data_2BP1
#
_entry.id   2BP1
#
_cell.length_a   58.989
_cell.length_b   78.786
_cell.length_c   86.019
_cell.angle_alpha   88.72
_cell.angle_beta   71.14
_cell.angle_gamma   75.22
#
_symmetry.space_group_name_H-M   'P 1'
#
loop_
_entity.id
_entity.type
_entity.pdbx_description
1 polymer 'AFLATOXIN B1 ALDEHYDE REDUCTASE MEMBER 2'
2 non-polymer 'NADPH DIHYDRO-NICOTINAMIDE-ADENINE-DINUCLEOTIDE PHOSPHATE'
3 non-polymer 'CITRATE ANION'
4 water water
#
_entity_poly.entity_id   1
_entity_poly.type   'polypeptide(L)'
_entity_poly.pdbx_seq_one_letter_code
;SMLSAASRVVSRAAVHCALRSPPPEARALAMSRPPPPRVASVLGTMEMGRRMDAPASAAAVRAFLERGHTELDTAFMYSD
GQSETILGGLGLGLGGGDCRVKIATKANPWDGKSLKPDSVRSQLETSLKRLQCPQVDLFYLHAPDHGTPVEETLHACQRL
HQEGKFVELGLSNYASWEVAEICTLCKSNGWILPTVYQGMYNATTRQVETELFPCLRHFGLRFYAYNPLAGGLLTGKYKY
EDKDGKQPVGRFFGNSWAETYRNRFWKEHHFEAIALVEKALQAAYGASAPSVTSAALRWMYHHSQLQGAHGDAVILGMSS
LEQLEQNLAATEEGPLEPAVVDAFNQAWHLVAHECPNYFR
;
_entity_poly.pdbx_strand_id   A,B,C,D
#
# COMPACT_ATOMS: atom_id res chain seq x y z
N ARG A 38 12.88 -7.63 0.98
CA ARG A 38 11.43 -7.34 1.22
C ARG A 38 11.08 -7.22 2.69
N VAL A 39 11.34 -8.25 3.52
CA VAL A 39 11.30 -8.06 5.00
C VAL A 39 12.37 -6.98 5.33
N ALA A 40 11.93 -5.91 6.01
CA ALA A 40 12.78 -4.78 6.32
C ALA A 40 13.71 -5.00 7.52
N SER A 41 14.68 -4.10 7.66
CA SER A 41 15.63 -4.10 8.78
C SER A 41 15.56 -2.77 9.52
N VAL A 42 15.55 -2.86 10.84
CA VAL A 42 15.54 -1.71 11.71
C VAL A 42 16.77 -1.82 12.59
N LEU A 43 17.37 -0.69 12.95
CA LEU A 43 18.59 -0.73 13.79
C LEU A 43 18.20 -0.59 15.26
N GLY A 44 18.59 -1.58 16.05
CA GLY A 44 18.44 -1.56 17.51
C GLY A 44 19.56 -0.79 18.15
N THR A 45 19.22 0.11 19.08
CA THR A 45 20.15 1.09 19.66
C THR A 45 20.25 0.94 21.19
N MET A 46 19.94 -0.24 21.68
CA MET A 46 19.96 -0.59 23.11
C MET A 46 21.37 -0.45 23.68
N GLU A 47 22.38 -0.79 22.88
CA GLU A 47 23.78 -0.80 23.34
C GLU A 47 24.48 0.55 23.19
N MET A 48 23.84 1.52 22.54
CA MET A 48 24.39 2.85 22.37
C MET A 48 24.36 3.57 23.70
N GLY A 49 25.54 3.91 24.21
CA GLY A 49 25.66 4.56 25.49
C GLY A 49 25.99 3.57 26.59
N ARG A 50 26.06 2.28 26.23
CA ARG A 50 26.48 1.23 27.16
C ARG A 50 27.80 0.64 26.63
N ARG A 51 27.77 -0.46 25.88
CA ARG A 51 29.00 -0.99 25.27
C ARG A 51 29.53 -0.08 24.17
N MET A 52 28.62 0.61 23.48
CA MET A 52 29.01 1.45 22.35
C MET A 52 28.96 2.92 22.74
N ASP A 53 30.13 3.57 22.69
CA ASP A 53 30.23 5.00 22.87
C ASP A 53 29.68 5.74 21.64
N ALA A 54 29.67 7.07 21.72
CA ALA A 54 29.06 7.91 20.69
C ALA A 54 29.69 7.77 19.31
N PRO A 55 31.04 7.77 19.19
CA PRO A 55 31.67 7.49 17.91
C PRO A 55 31.29 6.14 17.28
N ALA A 56 31.35 5.08 18.07
CA ALA A 56 31.00 3.73 17.61
C ALA A 56 29.54 3.71 17.16
N SER A 57 28.67 4.35 17.95
CA SER A 57 27.26 4.46 17.62
C SER A 57 27.00 5.18 16.30
N ALA A 58 27.71 6.28 16.07
CA ALA A 58 27.59 7.04 14.83
C ALA A 58 28.12 6.28 13.60
N ALA A 59 29.20 5.52 13.76
CA ALA A 59 29.66 4.63 12.71
C ALA A 59 28.63 3.55 12.40
N ALA A 60 27.99 3.04 13.46
CA ALA A 60 26.94 2.05 13.34
C ALA A 60 25.77 2.56 12.50
N VAL A 61 25.24 3.70 12.91
CA VAL A 61 24.16 4.33 12.15
C VAL A 61 24.55 4.54 10.68
N ARG A 62 25.77 4.98 10.43
CA ARG A 62 26.27 5.23 9.08
C ARG A 62 26.31 3.94 8.24
N ALA A 63 26.85 2.86 8.80
CA ALA A 63 26.89 1.56 8.13
C ALA A 63 25.50 1.07 7.74
N PHE A 64 24.55 1.23 8.67
CA PHE A 64 23.15 0.83 8.50
C PHE A 64 22.51 1.63 7.35
N LEU A 65 22.66 2.96 7.41
CA LEU A 65 22.11 3.84 6.40
C LEU A 65 22.73 3.59 5.02
N GLU A 66 24.04 3.39 4.98
CA GLU A 66 24.74 3.04 3.75
C GLU A 66 24.21 1.80 3.05
N ARG A 67 23.52 0.92 3.76
CA ARG A 67 22.92 -0.24 3.14
C ARG A 67 21.50 0.03 2.65
N GLY A 68 21.06 1.28 2.71
CA GLY A 68 19.72 1.64 2.22
C GLY A 68 18.59 1.55 3.23
N HIS A 69 18.91 1.19 4.47
CA HIS A 69 17.91 1.13 5.52
C HIS A 69 17.71 2.51 6.12
N THR A 70 16.60 2.67 6.85
CA THR A 70 16.08 3.97 7.20
C THR A 70 15.58 4.13 8.65
N GLU A 71 15.28 3.02 9.32
CA GLU A 71 14.52 3.08 10.56
C GLU A 71 15.36 2.69 11.80
N LEU A 72 15.25 3.50 12.86
CA LEU A 72 16.01 3.31 14.08
C LEU A 72 15.07 3.10 15.28
N ASP A 73 15.43 2.14 16.15
CA ASP A 73 14.65 1.80 17.33
C ASP A 73 15.39 2.15 18.59
N THR A 74 14.86 3.10 19.38
CA THR A 74 15.42 3.41 20.67
C THR A 74 14.30 3.41 21.71
N ALA A 75 14.59 3.92 22.90
CA ALA A 75 13.62 3.93 23.99
C ALA A 75 14.05 4.90 25.07
N PHE A 76 13.07 5.41 25.81
CA PHE A 76 13.34 6.23 26.97
C PHE A 76 14.35 5.58 27.92
N MET A 77 14.27 4.27 28.07
CA MET A 77 15.07 3.60 29.09
C MET A 77 16.46 3.18 28.65
N TYR A 78 16.74 3.19 27.35
CA TYR A 78 18.01 2.64 26.86
C TYR A 78 19.21 3.47 27.29
N SER A 79 20.16 2.77 27.89
CA SER A 79 21.32 3.32 28.60
C SER A 79 21.01 4.58 29.41
N ASP A 80 19.94 4.50 30.20
CA ASP A 80 19.48 5.61 31.05
C ASP A 80 19.31 6.91 30.31
N GLY A 81 18.86 6.87 29.07
CA GLY A 81 18.64 8.09 28.29
C GLY A 81 19.76 8.41 27.31
N GLN A 82 20.84 7.65 27.43
CA GLN A 82 22.07 7.94 26.71
C GLN A 82 21.97 7.54 25.22
N SER A 83 21.22 6.47 24.93
CA SER A 83 20.95 6.06 23.55
C SER A 83 20.28 7.20 22.72
N GLU A 84 19.13 7.67 23.19
CA GLU A 84 18.42 8.80 22.59
C GLU A 84 19.29 10.06 22.49
N THR A 85 20.04 10.36 23.56
CA THR A 85 20.90 11.52 23.58
C THR A 85 21.92 11.45 22.46
N ILE A 86 22.54 10.28 22.30
CA ILE A 86 23.55 10.07 21.26
C ILE A 86 22.92 10.20 19.87
N LEU A 87 21.77 9.56 19.67
CA LEU A 87 21.09 9.65 18.38
C LEU A 87 20.67 11.08 18.03
N GLY A 88 20.30 11.83 19.06
CA GLY A 88 19.86 13.22 18.93
C GLY A 88 20.96 14.18 18.56
N GLY A 89 22.20 13.79 18.88
CA GLY A 89 23.39 14.57 18.57
C GLY A 89 24.08 14.23 17.27
N LEU A 90 23.49 13.37 16.44
CA LEU A 90 24.11 12.98 15.17
C LEU A 90 23.91 13.98 14.02
N GLY A 91 23.12 15.02 14.25
CA GLY A 91 22.76 15.94 13.16
C GLY A 91 21.97 15.30 12.00
N LEU A 92 21.11 14.33 12.29
CA LEU A 92 20.26 13.70 11.28
C LEU A 92 18.97 14.50 11.00
N GLY A 93 18.64 15.46 11.84
CA GLY A 93 17.42 16.25 11.68
C GLY A 93 16.14 15.44 11.83
N LEU A 94 16.11 14.59 12.87
CA LEU A 94 15.00 13.63 13.10
C LEU A 94 13.65 14.33 13.27
N GLY A 95 12.60 13.70 12.77
CA GLY A 95 11.27 14.27 12.89
C GLY A 95 11.02 15.46 11.98
N GLY A 96 12.06 15.98 11.33
CA GLY A 96 11.91 17.11 10.40
C GLY A 96 11.53 16.69 8.98
N GLY A 97 10.78 17.55 8.30
CA GLY A 97 10.41 17.34 6.90
C GLY A 97 11.61 17.07 5.99
N ASP A 98 12.79 17.56 6.41
CA ASP A 98 14.06 17.32 5.71
C ASP A 98 14.72 15.97 6.07
N CYS A 99 13.98 14.98 6.57
CA CYS A 99 14.63 13.77 7.13
C CYS A 99 14.27 12.42 6.49
N ARG A 100 15.26 11.74 5.91
CA ARG A 100 15.05 10.40 5.36
C ARG A 100 15.06 9.29 6.43
N VAL A 101 15.62 9.59 7.58
CA VAL A 101 15.72 8.64 8.69
C VAL A 101 14.48 8.71 9.57
N LYS A 102 13.96 7.52 9.93
CA LYS A 102 12.81 7.38 10.82
C LYS A 102 13.28 6.93 12.19
N ILE A 103 12.66 7.50 13.21
CA ILE A 103 13.01 7.23 14.59
C ILE A 103 11.78 6.73 15.34
N ALA A 104 11.97 5.67 16.11
CA ALA A 104 11.00 5.15 17.06
C ALA A 104 11.53 5.23 18.48
N THR A 105 10.64 5.58 19.42
CA THR A 105 10.95 5.44 20.83
C THR A 105 9.75 4.88 21.61
N LYS A 106 9.93 4.72 22.93
CA LYS A 106 8.98 3.98 23.77
C LYS A 106 8.94 4.56 25.19
N ALA A 107 7.72 4.66 25.73
CA ALA A 107 7.54 4.95 27.16
C ALA A 107 7.28 3.64 27.93
N ASN A 108 7.79 3.56 29.15
CA ASN A 108 7.63 2.37 29.94
C ASN A 108 7.05 2.65 31.32
N PRO A 109 6.46 1.61 31.95
CA PRO A 109 5.88 1.76 33.28
C PRO A 109 6.85 1.45 34.44
N TRP A 110 8.11 1.19 34.15
CA TRP A 110 9.00 0.66 35.17
C TRP A 110 9.51 1.71 36.18
N ASP A 111 10.04 1.22 37.31
CA ASP A 111 10.62 2.05 38.37
C ASP A 111 9.65 3.10 38.89
N GLY A 112 8.39 2.72 38.99
CA GLY A 112 7.37 3.57 39.57
C GLY A 112 6.78 4.63 38.66
N LYS A 113 7.36 4.84 37.47
CA LYS A 113 6.71 5.68 36.45
C LYS A 113 5.55 4.81 36.06
N SER A 114 4.36 5.33 35.91
CA SER A 114 3.37 4.42 35.41
C SER A 114 3.29 4.57 33.87
N LEU A 115 2.20 4.12 33.29
CA LEU A 115 1.75 4.62 32.00
C LEU A 115 0.48 5.47 32.17
N LYS A 116 0.36 6.16 33.31
CA LYS A 116 -0.68 7.16 33.49
C LYS A 116 -0.33 8.35 32.60
N PRO A 117 -1.35 9.07 32.12
CA PRO A 117 -1.17 10.20 31.20
C PRO A 117 0.04 11.10 31.45
N ASP A 118 0.22 11.61 32.66
CA ASP A 118 1.36 12.51 32.97
C ASP A 118 2.73 11.86 32.66
N SER A 119 2.86 10.58 33.01
CA SER A 119 4.07 9.81 32.76
C SER A 119 4.32 9.55 31.27
N VAL A 120 3.27 9.25 30.52
CA VAL A 120 3.38 9.06 29.07
C VAL A 120 3.86 10.37 28.39
N ARG A 121 3.24 11.49 28.75
CA ARG A 121 3.62 12.80 28.23
C ARG A 121 5.06 13.15 28.60
N SER A 122 5.40 12.94 29.85
CA SER A 122 6.69 13.32 30.40
C SER A 122 7.80 12.53 29.74
N GLN A 123 7.60 11.22 29.59
CA GLN A 123 8.61 10.38 28.93
C GLN A 123 8.78 10.78 27.45
N LEU A 124 7.67 11.01 26.75
CA LEU A 124 7.74 11.36 25.33
C LEU A 124 8.43 12.69 25.12
N GLU A 125 8.03 13.69 25.91
CA GLU A 125 8.63 15.01 25.81
C GLU A 125 10.12 14.99 26.11
N THR A 126 10.53 14.18 27.09
CA THR A 126 11.94 14.03 27.41
C THR A 126 12.69 13.40 26.24
N SER A 127 12.07 12.38 25.66
CA SER A 127 12.63 11.71 24.48
C SER A 127 12.80 12.69 23.32
N LEU A 128 11.81 13.55 23.13
CA LEU A 128 11.87 14.55 22.08
C LEU A 128 13.04 15.51 22.26
N LYS A 129 13.27 15.93 23.50
CA LYS A 129 14.40 16.81 23.80
C LYS A 129 15.72 16.11 23.56
N ARG A 130 15.84 14.86 23.99
CA ARG A 130 17.08 14.11 23.82
C ARG A 130 17.38 13.84 22.35
N LEU A 131 16.35 13.47 21.59
CA LEU A 131 16.49 13.24 20.15
C LEU A 131 16.58 14.52 19.33
N GLN A 132 16.36 15.67 20.00
CA GLN A 132 16.42 16.99 19.39
C GLN A 132 15.53 17.02 18.16
N CYS A 133 14.28 16.60 18.38
CA CYS A 133 13.30 16.55 17.30
C CYS A 133 11.90 16.89 17.76
N PRO A 134 11.09 17.48 16.86
CA PRO A 134 9.70 17.93 17.18
C PRO A 134 8.67 16.78 17.26
N GLN A 135 8.89 15.71 16.51
CA GLN A 135 8.02 14.55 16.62
C GLN A 135 8.75 13.29 16.19
N VAL A 136 8.37 12.17 16.79
CA VAL A 136 8.92 10.87 16.40
C VAL A 136 7.98 10.17 15.44
N ASP A 137 8.54 9.30 14.63
CA ASP A 137 7.77 8.63 13.58
C ASP A 137 6.92 7.51 14.17
N LEU A 138 7.40 6.93 15.26
CA LEU A 138 6.78 5.78 15.92
C LEU A 138 6.98 5.86 17.44
N PHE A 139 5.86 5.83 18.17
CA PHE A 139 5.89 5.89 19.62
C PHE A 139 5.25 4.62 20.17
N TYR A 140 6.02 3.90 20.96
CA TYR A 140 5.51 2.67 21.58
C TYR A 140 5.15 2.80 23.07
N LEU A 141 4.14 2.03 23.45
CA LEU A 141 4.01 1.57 24.83
C LEU A 141 4.90 0.31 24.93
N HIS A 142 5.95 0.44 25.74
CA HIS A 142 7.09 -0.49 25.76
C HIS A 142 6.69 -1.82 26.37
N ALA A 143 5.84 -1.74 27.37
CA ALA A 143 5.31 -2.93 28.03
C ALA A 143 4.06 -2.51 28.76
N PRO A 144 3.18 -3.47 29.02
CA PRO A 144 1.93 -3.14 29.74
C PRO A 144 2.10 -2.53 31.15
N ASP A 145 1.21 -1.60 31.51
CA ASP A 145 1.06 -1.14 32.91
C ASP A 145 -0.20 -1.77 33.45
N HIS A 146 -0.05 -2.86 34.20
CA HIS A 146 -1.22 -3.59 34.69
C HIS A 146 -1.86 -2.91 35.87
N GLY A 147 -1.26 -1.82 36.37
CA GLY A 147 -1.88 -1.00 37.45
C GLY A 147 -2.71 0.19 36.97
N THR A 148 -2.72 0.43 35.66
CA THR A 148 -3.37 1.61 35.08
C THR A 148 -4.30 1.16 33.97
N PRO A 149 -5.59 1.54 34.05
CA PRO A 149 -6.53 1.14 32.99
C PRO A 149 -6.08 1.65 31.63
N VAL A 150 -6.07 0.73 30.67
CA VAL A 150 -5.47 0.96 29.38
C VAL A 150 -6.15 2.12 28.62
N GLU A 151 -7.43 2.34 28.88
CA GLU A 151 -8.17 3.45 28.26
C GLU A 151 -7.57 4.80 28.64
N GLU A 152 -7.09 4.93 29.89
CA GLU A 152 -6.39 6.14 30.34
C GLU A 152 -5.14 6.39 29.52
N THR A 153 -4.29 5.38 29.46
CA THR A 153 -3.06 5.45 28.66
C THR A 153 -3.34 5.85 27.20
N LEU A 154 -4.29 5.17 26.56
CA LEU A 154 -4.59 5.43 25.16
C LEU A 154 -5.17 6.83 24.90
N HIS A 155 -5.98 7.34 25.84
CA HIS A 155 -6.47 8.71 25.72
C HIS A 155 -5.31 9.70 25.72
N ALA A 156 -4.32 9.44 26.56
CA ALA A 156 -3.10 10.25 26.57
C ALA A 156 -2.37 10.17 25.22
N CYS A 157 -2.24 8.96 24.65
CA CYS A 157 -1.64 8.80 23.31
C CYS A 157 -2.41 9.53 22.21
N GLN A 158 -3.72 9.43 22.25
CA GLN A 158 -4.56 10.15 21.32
C GLN A 158 -4.26 11.67 21.39
N ARG A 159 -4.27 12.23 22.59
CA ARG A 159 -4.00 13.65 22.78
C ARG A 159 -2.61 14.03 22.27
N LEU A 160 -1.60 13.21 22.62
CA LEU A 160 -0.21 13.47 22.19
C LEU A 160 -0.03 13.41 20.68
N HIS A 161 -0.79 12.51 20.04
CA HIS A 161 -0.86 12.46 18.58
C HIS A 161 -1.56 13.71 17.98
N GLN A 162 -2.68 14.13 18.58
CA GLN A 162 -3.39 15.36 18.16
C GLN A 162 -2.45 16.59 18.19
N GLU A 163 -1.54 16.59 19.17
CA GLU A 163 -0.53 17.64 19.33
C GLU A 163 0.66 17.52 18.36
N GLY A 164 0.71 16.44 17.60
CA GLY A 164 1.78 16.22 16.64
C GLY A 164 3.11 15.78 17.23
N LYS A 165 3.08 15.12 18.40
CA LYS A 165 4.32 14.64 19.06
C LYS A 165 4.84 13.31 18.48
N PHE A 166 3.95 12.55 17.87
CA PHE A 166 4.33 11.32 17.18
C PHE A 166 3.32 11.03 16.05
N VAL A 167 3.80 10.31 15.02
CA VAL A 167 3.02 9.99 13.83
C VAL A 167 2.24 8.67 14.02
N GLU A 168 2.95 7.59 14.30
CA GLU A 168 2.35 6.28 14.51
C GLU A 168 2.49 5.73 15.95
N LEU A 169 1.46 4.99 16.39
CA LEU A 169 1.44 4.35 17.70
C LEU A 169 1.82 2.87 17.56
N GLY A 170 2.67 2.40 18.48
CA GLY A 170 3.02 0.99 18.57
C GLY A 170 2.80 0.41 19.96
N LEU A 171 2.69 -0.92 20.00
CA LEU A 171 2.66 -1.71 21.23
C LEU A 171 3.85 -2.70 21.25
N SER A 172 4.31 -3.01 22.45
CA SER A 172 5.33 -4.01 22.67
C SER A 172 4.96 -4.80 23.93
N ASN A 173 5.11 -6.11 23.84
CA ASN A 173 4.97 -6.99 25.01
C ASN A 173 3.57 -7.09 25.62
N TYR A 174 2.57 -6.72 24.84
CA TYR A 174 1.18 -6.91 25.20
C TYR A 174 0.69 -8.28 24.65
N ALA A 175 -0.15 -8.98 25.40
CA ALA A 175 -0.71 -10.26 24.92
C ALA A 175 -1.65 -9.96 23.76
N SER A 176 -1.87 -10.94 22.88
CA SER A 176 -2.79 -10.79 21.77
C SER A 176 -4.14 -10.25 22.21
N TRP A 177 -4.63 -10.71 23.36
CA TRP A 177 -5.95 -10.31 23.81
C TRP A 177 -6.00 -8.88 24.31
N GLU A 178 -4.85 -8.41 24.79
CA GLU A 178 -4.70 -7.04 25.22
C GLU A 178 -4.59 -6.09 24.02
N VAL A 179 -3.93 -6.54 22.97
CA VAL A 179 -3.87 -5.79 21.71
C VAL A 179 -5.28 -5.61 21.14
N ALA A 180 -6.06 -6.70 21.12
CA ALA A 180 -7.41 -6.68 20.58
C ALA A 180 -8.28 -5.72 21.37
N GLU A 181 -8.24 -5.80 22.70
CA GLU A 181 -8.99 -4.88 23.57
C GLU A 181 -8.66 -3.41 23.24
N ILE A 182 -7.38 -3.12 23.14
CA ILE A 182 -6.87 -1.80 22.81
C ILE A 182 -7.39 -1.30 21.46
N CYS A 183 -7.30 -2.14 20.44
CA CYS A 183 -7.72 -1.77 19.11
C CYS A 183 -9.20 -1.48 19.05
N THR A 184 -9.97 -2.36 19.68
CA THR A 184 -11.40 -2.24 19.79
C THR A 184 -11.80 -0.96 20.55
N LEU A 185 -11.12 -0.65 21.65
CA LEU A 185 -11.39 0.62 22.35
C LEU A 185 -11.14 1.84 21.49
N CYS A 186 -10.02 1.87 20.80
CA CYS A 186 -9.65 2.99 19.94
C CYS A 186 -10.64 3.23 18.79
N LYS A 187 -11.07 2.15 18.15
CA LYS A 187 -12.07 2.23 17.10
C LYS A 187 -13.33 2.86 17.65
N SER A 188 -13.82 2.38 18.80
CA SER A 188 -15.11 2.87 19.33
C SER A 188 -15.03 4.30 19.84
N ASN A 189 -13.86 4.71 20.34
CA ASN A 189 -13.65 6.08 20.80
C ASN A 189 -13.21 7.03 19.70
N GLY A 190 -12.97 6.51 18.50
CA GLY A 190 -12.42 7.30 17.38
C GLY A 190 -10.98 7.73 17.56
N TRP A 191 -10.20 6.96 18.30
CA TRP A 191 -8.78 7.28 18.53
C TRP A 191 -7.82 6.61 17.55
N ILE A 192 -6.61 7.13 17.48
CA ILE A 192 -5.55 6.49 16.71
C ILE A 192 -5.32 5.04 17.18
N LEU A 193 -5.35 4.10 16.22
CA LEU A 193 -5.04 2.71 16.48
C LEU A 193 -3.52 2.49 16.45
N PRO A 194 -3.00 1.53 17.24
CA PRO A 194 -1.61 1.17 16.98
C PRO A 194 -1.51 0.45 15.64
N THR A 195 -0.36 0.62 14.99
CA THR A 195 -0.10 0.09 13.65
C THR A 195 1.16 -0.78 13.61
N VAL A 196 1.88 -0.83 14.71
CA VAL A 196 3.10 -1.66 14.80
C VAL A 196 3.09 -2.41 16.11
N TYR A 197 3.47 -3.68 16.03
CA TYR A 197 3.76 -4.48 17.21
C TYR A 197 5.26 -4.88 17.20
N GLN A 198 5.98 -4.55 18.28
CA GLN A 198 7.36 -4.98 18.42
C GLN A 198 7.41 -6.13 19.43
N GLY A 199 7.82 -7.31 18.95
CA GLY A 199 7.78 -8.49 19.79
C GLY A 199 8.98 -9.42 19.67
N MET A 200 9.13 -10.25 20.68
CA MET A 200 10.13 -11.29 20.73
C MET A 200 9.89 -12.41 19.68
N TYR A 201 10.87 -12.64 18.81
CA TYR A 201 10.71 -13.63 17.73
C TYR A 201 12.08 -13.94 17.12
N ASN A 202 12.35 -15.25 17.05
CA ASN A 202 13.54 -15.79 16.39
C ASN A 202 13.26 -17.24 16.04
N ALA A 203 14.25 -17.90 15.42
CA ALA A 203 14.08 -19.25 14.91
C ALA A 203 13.73 -20.29 15.96
N THR A 204 14.08 -20.01 17.22
CA THR A 204 13.81 -20.93 18.33
C THR A 204 12.83 -20.32 19.39
N THR A 205 12.13 -19.24 19.02
CA THR A 205 11.20 -18.53 19.92
C THR A 205 10.02 -18.03 19.09
N ARG A 206 8.98 -18.84 19.02
CA ARG A 206 7.91 -18.64 18.02
C ARG A 206 6.51 -18.60 18.64
N GLN A 207 6.43 -18.32 19.94
CA GLN A 207 5.14 -18.31 20.58
C GLN A 207 4.19 -17.32 19.88
N VAL A 208 4.77 -16.21 19.39
CA VAL A 208 3.98 -15.15 18.71
C VAL A 208 3.17 -15.61 17.53
N GLU A 209 3.59 -16.70 16.90
CA GLU A 209 2.92 -17.20 15.72
C GLU A 209 1.46 -17.67 15.93
N THR A 210 1.16 -18.20 17.12
CA THR A 210 -0.08 -18.93 17.32
C THR A 210 -1.28 -18.02 17.40
N GLU A 211 -1.18 -17.00 18.24
CA GLU A 211 -2.34 -16.11 18.49
C GLU A 211 -2.06 -14.65 18.14
N LEU A 212 -0.82 -14.19 18.37
CA LEU A 212 -0.52 -12.79 18.16
C LEU A 212 -0.54 -12.46 16.65
N PHE A 213 0.18 -13.21 15.83
CA PHE A 213 0.19 -12.94 14.38
C PHE A 213 -1.22 -12.90 13.75
N PRO A 214 -2.08 -13.90 14.01
CA PRO A 214 -3.46 -13.73 13.53
C PRO A 214 -4.20 -12.48 14.04
N CYS A 215 -3.99 -12.10 15.28
CA CYS A 215 -4.59 -10.89 15.84
C CYS A 215 -4.12 -9.61 15.10
N LEU A 216 -2.80 -9.52 14.91
CA LEU A 216 -2.19 -8.39 14.23
C LEU A 216 -2.70 -8.25 12.79
N ARG A 217 -2.82 -9.37 12.09
CA ARG A 217 -3.31 -9.37 10.69
C ARG A 217 -4.72 -8.82 10.64
N HIS A 218 -5.53 -9.19 11.62
CA HIS A 218 -6.90 -8.73 11.68
C HIS A 218 -7.03 -7.25 11.93
N PHE A 219 -6.19 -6.72 12.81
CA PHE A 219 -6.27 -5.31 13.19
C PHE A 219 -5.37 -4.41 12.37
N GLY A 220 -4.58 -5.01 11.48
CA GLY A 220 -3.74 -4.24 10.57
C GLY A 220 -2.43 -3.75 11.16
N LEU A 221 -1.82 -4.50 12.09
CA LEU A 221 -0.54 -4.07 12.67
C LEU A 221 0.59 -4.82 11.99
N ARG A 222 1.65 -4.13 11.58
CA ARG A 222 2.88 -4.86 11.19
C ARG A 222 3.71 -5.26 12.41
N PHE A 223 4.62 -6.20 12.21
CA PHE A 223 5.38 -6.77 13.32
C PHE A 223 6.88 -6.56 13.11
N TYR A 224 7.52 -5.99 14.13
CA TYR A 224 8.95 -5.84 14.18
C TYR A 224 9.49 -6.81 15.22
N ALA A 225 10.44 -7.65 14.80
CA ALA A 225 10.99 -8.68 15.66
C ALA A 225 12.20 -8.18 16.42
N TYR A 226 12.21 -8.37 17.74
CA TYR A 226 13.42 -8.18 18.54
C TYR A 226 13.91 -9.49 19.06
N ASN A 227 15.07 -9.47 19.73
CA ASN A 227 15.83 -10.70 20.06
C ASN A 227 15.97 -11.68 18.88
N PRO A 228 16.28 -11.19 17.67
CA PRO A 228 16.36 -12.11 16.53
C PRO A 228 17.49 -13.16 16.61
N LEU A 229 18.50 -12.95 17.42
CA LEU A 229 19.54 -13.97 17.68
C LEU A 229 19.45 -14.51 19.09
N ALA A 230 18.27 -14.39 19.70
CA ALA A 230 18.08 -14.77 21.10
C ALA A 230 19.14 -14.14 22.04
N GLY A 231 19.32 -12.81 21.91
CA GLY A 231 20.30 -12.06 22.69
C GLY A 231 21.74 -12.40 22.36
N GLY A 232 21.97 -13.20 21.31
CA GLY A 232 23.32 -13.70 20.98
C GLY A 232 23.49 -15.20 21.15
N LEU A 233 22.50 -15.88 21.73
CA LEU A 233 22.61 -17.33 21.88
C LEU A 233 22.72 -18.02 20.52
N LEU A 234 21.98 -17.51 19.54
CA LEU A 234 21.94 -18.09 18.20
C LEU A 234 23.16 -17.76 17.32
N THR A 235 24.20 -17.16 17.91
CA THR A 235 25.48 -17.03 17.23
C THR A 235 26.31 -18.30 17.40
N GLY A 236 25.92 -19.15 18.34
CA GLY A 236 26.66 -20.37 18.66
C GLY A 236 27.95 -20.15 19.44
N LYS A 237 28.15 -18.94 19.96
CA LYS A 237 29.38 -18.59 20.64
C LYS A 237 29.44 -19.06 22.13
N TYR A 238 28.35 -19.60 22.65
CA TYR A 238 28.30 -20.07 24.03
C TYR A 238 28.17 -21.59 24.10
N LYS A 239 28.58 -22.15 25.25
CA LYS A 239 28.29 -23.52 25.67
C LYS A 239 27.45 -23.43 26.95
N TYR A 240 26.50 -24.33 27.13
CA TYR A 240 25.63 -24.29 28.32
C TYR A 240 26.44 -24.16 29.65
N GLU A 241 27.55 -24.91 29.76
CA GLU A 241 28.42 -24.92 30.94
C GLU A 241 29.13 -23.58 31.26
N ASP A 242 29.07 -22.63 30.33
CA ASP A 242 29.65 -21.29 30.54
C ASP A 242 29.06 -20.58 31.74
N LYS A 243 27.86 -20.97 32.13
CA LYS A 243 27.20 -20.34 33.26
C LYS A 243 27.84 -20.67 34.61
N ASP A 244 28.56 -21.78 34.69
CA ASP A 244 29.20 -22.18 35.97
C ASP A 244 30.59 -21.60 36.08
N GLY A 245 31.45 -21.87 35.10
CA GLY A 245 32.82 -21.35 35.11
C GLY A 245 33.03 -19.99 34.45
N LYS A 246 33.09 -19.99 33.11
CA LYS A 246 33.57 -18.83 32.35
C LYS A 246 32.74 -17.55 32.55
N GLN A 247 31.41 -17.69 32.46
CA GLN A 247 30.51 -16.56 32.59
C GLN A 247 30.95 -15.33 31.78
N PRO A 248 31.09 -15.48 30.45
CA PRO A 248 31.64 -14.39 29.63
C PRO A 248 30.79 -13.11 29.64
N VAL A 249 31.43 -11.99 30.01
CA VAL A 249 30.74 -10.69 30.10
C VAL A 249 30.06 -10.32 28.77
N GLY A 250 28.78 -9.96 28.86
CA GLY A 250 27.98 -9.74 27.66
C GLY A 250 26.53 -9.77 28.04
N ARG A 251 25.69 -10.09 27.07
CA ARG A 251 24.25 -10.03 27.31
C ARG A 251 23.82 -10.91 28.49
N PHE A 252 24.51 -12.04 28.69
CA PHE A 252 24.06 -13.08 29.64
C PHE A 252 24.81 -13.11 30.97
N PHE A 253 25.85 -12.30 31.09
CA PHE A 253 26.64 -12.23 32.31
C PHE A 253 27.22 -10.84 32.59
N GLY A 254 27.20 -10.48 33.87
CA GLY A 254 27.94 -9.31 34.34
C GLY A 254 27.18 -8.00 34.25
N ASN A 255 25.87 -8.06 34.07
CA ASN A 255 25.07 -6.83 34.11
C ASN A 255 23.71 -7.06 34.75
N SER A 256 22.97 -5.96 34.88
CA SER A 256 21.69 -5.95 35.59
C SER A 256 20.60 -6.79 34.94
N TRP A 257 20.66 -6.96 33.60
CA TRP A 257 19.65 -7.74 32.85
C TRP A 257 20.11 -9.16 32.49
N ALA A 258 21.33 -9.51 32.87
CA ALA A 258 21.89 -10.82 32.54
C ALA A 258 20.97 -11.94 33.00
N GLU A 259 20.54 -11.87 34.25
CA GLU A 259 19.71 -12.94 34.82
C GLU A 259 18.36 -13.08 34.13
N THR A 260 17.76 -11.95 33.75
CA THR A 260 16.56 -11.94 32.89
C THR A 260 16.81 -12.65 31.56
N TYR A 261 17.95 -12.41 30.96
CA TYR A 261 18.28 -13.01 29.70
C TYR A 261 18.55 -14.51 29.84
N ARG A 262 19.22 -14.90 30.92
CA ARG A 262 19.47 -16.32 31.21
C ARG A 262 18.15 -17.08 31.36
N ASN A 263 17.25 -16.54 32.18
CA ASN A 263 15.94 -17.10 32.37
C ASN A 263 15.14 -17.15 31.09
N ARG A 264 15.36 -16.19 30.20
CA ARG A 264 14.67 -16.18 28.92
C ARG A 264 15.14 -17.27 27.95
N PHE A 265 16.46 -17.45 27.82
CA PHE A 265 17.05 -18.26 26.75
C PHE A 265 18.04 -19.33 27.15
N TRP A 266 18.70 -19.16 28.30
CA TRP A 266 19.85 -20.00 28.67
C TRP A 266 19.39 -21.32 29.27
N LYS A 267 18.97 -22.22 28.38
CA LYS A 267 18.39 -23.48 28.77
C LYS A 267 19.08 -24.58 28.00
N GLU A 268 19.30 -25.74 28.63
CA GLU A 268 20.01 -26.87 28.00
C GLU A 268 19.42 -27.26 26.66
N HIS A 269 18.10 -27.36 26.61
CA HIS A 269 17.42 -27.81 25.41
C HIS A 269 17.60 -26.82 24.27
N HIS A 270 17.85 -25.55 24.60
CA HIS A 270 18.15 -24.52 23.64
C HIS A 270 19.55 -24.72 23.03
N PHE A 271 20.49 -25.15 23.86
CA PHE A 271 21.82 -25.50 23.38
C PHE A 271 21.81 -26.76 22.52
N GLU A 272 21.00 -27.75 22.89
CA GLU A 272 20.81 -28.95 22.03
C GLU A 272 20.26 -28.53 20.67
N ALA A 273 19.33 -27.59 20.69
CA ALA A 273 18.68 -27.10 19.50
C ALA A 273 19.67 -26.44 18.55
N ILE A 274 20.55 -25.63 19.12
CA ILE A 274 21.61 -24.95 18.37
C ILE A 274 22.57 -25.97 17.74
N ALA A 275 22.96 -26.97 18.51
CA ALA A 275 23.82 -28.05 18.01
C ALA A 275 23.18 -28.80 16.85
N LEU A 276 21.88 -29.05 16.94
CA LEU A 276 21.13 -29.69 15.89
C LEU A 276 21.25 -28.88 14.58
N VAL A 277 21.08 -27.55 14.67
CA VAL A 277 21.15 -26.67 13.51
C VAL A 277 22.59 -26.54 12.95
N GLU A 278 23.57 -26.47 13.84
CA GLU A 278 24.98 -26.52 13.44
C GLU A 278 25.32 -27.79 12.66
N LYS A 279 24.80 -28.93 13.10
CA LYS A 279 25.03 -30.20 12.41
C LYS A 279 24.38 -30.21 11.01
N ALA A 280 23.20 -29.61 10.91
CA ALA A 280 22.46 -29.54 9.65
C ALA A 280 23.16 -28.64 8.64
N LEU A 281 23.73 -27.55 9.14
CA LEU A 281 24.49 -26.64 8.31
C LEU A 281 25.71 -27.35 7.69
N GLN A 282 26.42 -28.10 8.53
CA GLN A 282 27.55 -28.93 8.08
C GLN A 282 27.15 -29.97 7.04
N ALA A 283 26.09 -30.70 7.32
CA ALA A 283 25.59 -31.73 6.43
C ALA A 283 25.09 -31.16 5.10
N ALA A 284 24.29 -30.10 5.15
CA ALA A 284 23.70 -29.51 3.94
C ALA A 284 24.71 -28.80 3.04
N TYR A 285 25.69 -28.13 3.63
CA TYR A 285 26.63 -27.28 2.87
C TYR A 285 28.07 -27.74 2.87
N GLY A 286 28.43 -28.66 3.77
CA GLY A 286 29.81 -29.07 3.89
C GLY A 286 30.75 -27.89 4.14
N ALA A 287 31.85 -27.86 3.39
CA ALA A 287 32.88 -26.83 3.49
C ALA A 287 32.36 -25.41 3.26
N SER A 288 31.25 -25.30 2.55
CA SER A 288 30.68 -24.02 2.18
C SER A 288 29.56 -23.54 3.15
N ALA A 289 29.49 -24.15 4.35
CA ALA A 289 28.45 -23.81 5.34
C ALA A 289 28.57 -22.37 5.87
N PRO A 290 27.43 -21.67 5.91
CA PRO A 290 27.46 -20.38 6.59
C PRO A 290 27.58 -20.52 8.14
N SER A 291 27.86 -19.41 8.80
CA SER A 291 27.83 -19.33 10.26
C SER A 291 26.38 -19.51 10.73
N VAL A 292 26.22 -20.02 11.95
CA VAL A 292 24.92 -20.18 12.55
C VAL A 292 24.22 -18.84 12.75
N THR A 293 24.98 -17.79 13.08
CA THR A 293 24.47 -16.42 13.07
C THR A 293 23.79 -16.11 11.73
N SER A 294 24.54 -16.32 10.66
CA SER A 294 24.06 -16.03 9.32
C SER A 294 22.76 -16.75 9.04
N ALA A 295 22.78 -18.04 9.34
CA ALA A 295 21.63 -18.89 9.17
C ALA A 295 20.41 -18.45 9.99
N ALA A 296 20.63 -18.07 11.26
CA ALA A 296 19.55 -17.63 12.13
C ALA A 296 18.87 -16.36 11.63
N LEU A 297 19.64 -15.44 11.08
CA LEU A 297 19.08 -14.22 10.51
C LEU A 297 18.37 -14.48 9.18
N ARG A 298 18.95 -15.35 8.35
CA ARG A 298 18.33 -15.69 7.08
C ARG A 298 16.99 -16.41 7.28
N TRP A 299 16.89 -17.20 8.35
CA TRP A 299 15.62 -17.75 8.75
C TRP A 299 14.55 -16.66 8.91
N MET A 300 14.92 -15.60 9.62
CA MET A 300 14.03 -14.47 9.87
C MET A 300 13.57 -13.83 8.58
N TYR A 301 14.50 -13.54 7.70
CA TYR A 301 14.16 -12.78 6.48
C TYR A 301 13.52 -13.65 5.40
N HIS A 302 13.76 -14.97 5.43
CA HIS A 302 13.38 -15.83 4.31
C HIS A 302 12.41 -16.93 4.67
N HIS A 303 12.32 -17.33 5.94
CA HIS A 303 11.60 -18.55 6.32
C HIS A 303 10.66 -18.42 7.52
N SER A 304 10.50 -17.22 8.07
CA SER A 304 9.67 -16.95 9.22
C SER A 304 8.27 -16.54 8.76
N GLN A 305 7.40 -16.16 9.69
CA GLN A 305 6.09 -15.62 9.33
C GLN A 305 6.14 -14.12 8.96
N LEU A 306 7.29 -13.47 9.10
CA LEU A 306 7.47 -12.10 8.69
C LEU A 306 7.30 -11.96 7.18
N GLN A 307 6.52 -10.98 6.76
CA GLN A 307 6.25 -10.74 5.38
C GLN A 307 6.45 -9.29 5.01
N GLY A 308 7.31 -9.07 4.03
CA GLY A 308 7.57 -7.73 3.49
C GLY A 308 6.33 -7.06 2.97
N ALA A 309 5.43 -7.87 2.41
CA ALA A 309 4.11 -7.40 1.97
C ALA A 309 3.29 -6.70 3.07
N HIS A 310 3.50 -7.12 4.33
CA HIS A 310 2.85 -6.51 5.49
C HIS A 310 3.68 -5.40 6.10
N GLY A 311 4.86 -5.13 5.57
CA GLY A 311 5.76 -4.16 6.18
C GLY A 311 6.52 -4.64 7.39
N ASP A 312 6.54 -5.96 7.60
CA ASP A 312 7.22 -6.55 8.78
C ASP A 312 8.72 -6.29 8.70
N ALA A 313 9.37 -6.30 9.86
CA ALA A 313 10.79 -6.01 9.93
C ALA A 313 11.49 -6.79 11.04
N VAL A 314 12.79 -6.94 10.89
CA VAL A 314 13.69 -7.49 11.88
C VAL A 314 14.48 -6.32 12.52
N ILE A 315 14.51 -6.25 13.86
CA ILE A 315 15.32 -5.25 14.52
C ILE A 315 16.64 -5.92 14.84
N LEU A 316 17.69 -5.48 14.15
CA LEU A 316 19.01 -6.03 14.34
C LEU A 316 19.63 -5.51 15.60
N GLY A 317 20.36 -6.39 16.29
CA GLY A 317 21.09 -6.03 17.49
C GLY A 317 22.59 -6.20 17.32
N MET A 318 23.33 -5.49 18.15
CA MET A 318 24.78 -5.50 18.11
C MET A 318 25.30 -4.80 19.36
N SER A 319 26.49 -5.19 19.77
CA SER A 319 27.21 -4.47 20.80
C SER A 319 28.48 -3.88 20.26
N SER A 320 28.74 -4.13 18.98
CA SER A 320 29.88 -3.56 18.28
C SER A 320 29.58 -3.38 16.78
N LEU A 321 30.39 -2.55 16.14
CA LEU A 321 30.29 -2.28 14.70
C LEU A 321 30.63 -3.50 13.83
N GLU A 322 31.55 -4.35 14.29
CA GLU A 322 31.89 -5.56 13.53
C GLU A 322 30.70 -6.53 13.55
N GLN A 323 30.07 -6.68 14.72
CA GLN A 323 28.87 -7.49 14.85
C GLN A 323 27.79 -6.98 13.90
N LEU A 324 27.58 -5.67 13.88
CA LEU A 324 26.57 -5.07 12.99
C LEU A 324 26.85 -5.34 11.51
N GLU A 325 28.10 -5.22 11.12
CA GLU A 325 28.50 -5.40 9.72
C GLU A 325 28.33 -6.83 9.28
N GLN A 326 28.71 -7.73 10.16
CA GLN A 326 28.47 -9.15 9.98
C GLN A 326 26.98 -9.43 9.77
N ASN A 327 26.14 -8.84 10.64
CA ASN A 327 24.69 -9.05 10.59
C ASN A 327 24.06 -8.47 9.32
N LEU A 328 24.47 -7.27 8.96
CA LEU A 328 24.02 -6.65 7.70
C LEU A 328 24.34 -7.49 6.45
N ALA A 329 25.51 -8.13 6.45
CA ALA A 329 25.86 -9.08 5.37
C ALA A 329 24.88 -10.24 5.28
N ALA A 330 24.55 -10.83 6.43
CA ALA A 330 23.62 -11.94 6.49
C ALA A 330 22.23 -11.54 5.97
N THR A 331 21.80 -10.31 6.23
CA THR A 331 20.47 -9.86 5.75
C THR A 331 20.41 -9.85 4.21
N GLU A 332 21.55 -9.67 3.55
CA GLU A 332 21.61 -9.67 2.10
C GLU A 332 21.86 -11.07 1.52
N GLU A 333 22.03 -12.09 2.37
CA GLU A 333 22.19 -13.46 1.89
C GLU A 333 20.80 -14.06 1.57
N GLY A 334 20.79 -15.13 0.81
CA GLY A 334 19.54 -15.69 0.31
C GLY A 334 18.95 -16.75 1.22
N PRO A 335 17.92 -17.43 0.73
CA PRO A 335 17.29 -18.49 1.53
C PRO A 335 18.23 -19.64 1.85
N LEU A 336 17.82 -20.45 2.81
CA LEU A 336 18.55 -21.63 3.23
C LEU A 336 18.05 -22.90 2.54
N GLU A 337 18.90 -23.92 2.50
CA GLU A 337 18.49 -25.24 2.04
C GLU A 337 17.33 -25.72 2.90
N PRO A 338 16.36 -26.42 2.29
CA PRO A 338 15.19 -26.90 2.99
C PRO A 338 15.52 -27.71 4.24
N ALA A 339 16.57 -28.52 4.18
CA ALA A 339 16.98 -29.36 5.32
C ALA A 339 17.37 -28.54 6.55
N VAL A 340 17.95 -27.37 6.30
CA VAL A 340 18.35 -26.49 7.38
C VAL A 340 17.10 -25.80 7.97
N VAL A 341 16.14 -25.48 7.11
CA VAL A 341 14.88 -24.91 7.56
C VAL A 341 14.14 -25.93 8.41
N ASP A 342 14.13 -27.19 7.97
CA ASP A 342 13.52 -28.28 8.77
C ASP A 342 14.26 -28.46 10.10
N ALA A 343 15.60 -28.36 10.08
CA ALA A 343 16.39 -28.43 11.29
C ALA A 343 16.00 -27.36 12.30
N PHE A 344 15.77 -26.14 11.82
CA PHE A 344 15.38 -25.04 12.68
C PHE A 344 14.01 -25.34 13.29
N ASN A 345 13.16 -26.01 12.51
CA ASN A 345 11.84 -26.39 13.02
C ASN A 345 11.92 -27.48 14.09
N GLN A 346 12.74 -28.50 13.84
CA GLN A 346 13.05 -29.53 14.82
C GLN A 346 13.60 -28.82 16.09
N ALA A 347 14.46 -27.82 15.89
CA ALA A 347 15.09 -27.06 16.98
C ALA A 347 14.04 -26.35 17.86
N TRP A 348 13.13 -25.63 17.21
CA TRP A 348 12.00 -24.99 17.90
C TRP A 348 11.14 -26.02 18.68
N HIS A 349 10.86 -27.16 18.08
CA HIS A 349 10.09 -28.18 18.80
C HIS A 349 10.76 -28.67 20.10
N LEU A 350 12.09 -28.68 20.09
CA LEU A 350 12.86 -29.06 21.25
C LEU A 350 12.65 -28.10 22.42
N VAL A 351 12.45 -26.82 22.12
CA VAL A 351 12.34 -25.79 23.17
C VAL A 351 10.92 -25.23 23.38
N ALA A 352 9.97 -25.58 22.51
CA ALA A 352 8.65 -24.95 22.53
C ALA A 352 7.96 -25.11 23.88
N HIS A 353 8.18 -26.25 24.54
CA HIS A 353 7.62 -26.47 25.88
C HIS A 353 8.08 -25.45 26.93
N GLU A 354 9.21 -24.78 26.70
CA GLU A 354 9.75 -23.84 27.66
C GLU A 354 10.04 -22.48 27.04
N CYS A 355 9.28 -22.14 25.99
CA CYS A 355 9.39 -20.86 25.32
C CYS A 355 9.04 -19.74 26.31
N PRO A 356 9.87 -18.68 26.36
CA PRO A 356 9.48 -17.54 27.18
C PRO A 356 8.27 -16.85 26.59
N ASN A 357 7.43 -16.29 27.47
CA ASN A 357 6.29 -15.51 27.02
C ASN A 357 6.68 -14.25 26.29
N TYR A 358 5.99 -13.98 25.20
CA TYR A 358 6.20 -12.78 24.44
C TYR A 358 5.59 -11.56 25.15
N PHE A 359 4.72 -11.81 26.13
CA PHE A 359 3.98 -10.76 26.81
C PHE A 359 4.41 -10.66 28.27
N ARG A 360 4.19 -9.49 28.84
CA ARG A 360 4.61 -9.14 30.21
C ARG A 360 3.46 -8.47 30.99
N ARG B 38 -15.84 -29.13 44.27
CA ARG B 38 -15.81 -27.66 44.02
C ARG B 38 -15.76 -27.29 42.51
N VAL B 39 -14.80 -27.83 41.77
CA VAL B 39 -14.89 -27.84 40.29
C VAL B 39 -16.10 -28.67 39.90
N ALA B 40 -17.00 -28.07 39.12
CA ALA B 40 -18.28 -28.70 38.78
C ALA B 40 -18.16 -29.68 37.63
N SER B 41 -19.23 -30.46 37.41
CA SER B 41 -19.35 -31.41 36.32
C SER B 41 -20.60 -31.11 35.49
N VAL B 42 -20.44 -31.19 34.17
CA VAL B 42 -21.50 -30.95 33.20
C VAL B 42 -21.58 -32.23 32.37
N LEU B 43 -22.77 -32.63 31.95
CA LEU B 43 -22.91 -33.83 31.13
C LEU B 43 -22.87 -33.49 29.65
N GLY B 44 -21.90 -34.10 28.96
CA GLY B 44 -21.82 -33.99 27.50
C GLY B 44 -22.74 -34.97 26.84
N THR B 45 -23.48 -34.49 25.84
CA THR B 45 -24.58 -35.25 25.22
C THR B 45 -24.36 -35.50 23.72
N MET B 46 -23.11 -35.40 23.30
CA MET B 46 -22.71 -35.52 21.89
C MET B 46 -23.08 -36.89 21.32
N GLU B 47 -23.00 -37.92 22.17
CA GLU B 47 -23.25 -39.30 21.76
C GLU B 47 -24.70 -39.73 21.86
N MET B 48 -25.54 -38.85 22.39
CA MET B 48 -26.95 -39.13 22.51
C MET B 48 -27.62 -39.03 21.15
N GLY B 49 -28.11 -40.17 20.64
CA GLY B 49 -28.68 -40.28 19.30
C GLY B 49 -27.68 -40.82 18.28
N ARG B 50 -26.47 -41.10 18.72
CA ARG B 50 -25.44 -41.69 17.89
C ARG B 50 -25.13 -43.09 18.48
N ARG B 51 -24.10 -43.26 19.31
CA ARG B 51 -23.92 -44.57 19.94
C ARG B 51 -24.97 -44.83 21.03
N MET B 52 -25.52 -43.77 21.64
CA MET B 52 -26.51 -43.97 22.70
C MET B 52 -27.91 -43.66 22.26
N ASP B 53 -28.78 -44.68 22.30
CA ASP B 53 -30.21 -44.51 22.00
C ASP B 53 -30.92 -43.80 23.14
N ALA B 54 -32.19 -43.53 22.97
CA ALA B 54 -32.94 -42.71 23.92
C ALA B 54 -32.99 -43.30 25.33
N PRO B 55 -33.29 -44.61 25.47
CA PRO B 55 -33.22 -45.24 26.82
C PRO B 55 -31.85 -45.14 27.52
N ALA B 56 -30.77 -45.45 26.83
CA ALA B 56 -29.44 -45.33 27.42
C ALA B 56 -29.17 -43.87 27.80
N SER B 57 -29.55 -42.94 26.93
CA SER B 57 -29.38 -41.51 27.19
C SER B 57 -30.13 -41.08 28.45
N ALA B 58 -31.38 -41.51 28.59
CA ALA B 58 -32.18 -41.19 29.79
C ALA B 58 -31.58 -41.79 31.07
N ALA B 59 -31.06 -43.01 30.99
CA ALA B 59 -30.40 -43.61 32.14
C ALA B 59 -29.14 -42.81 32.47
N ALA B 60 -28.42 -42.34 31.44
CA ALA B 60 -27.23 -41.50 31.63
C ALA B 60 -27.56 -40.23 32.38
N VAL B 61 -28.57 -39.51 31.93
CA VAL B 61 -29.03 -38.29 32.59
C VAL B 61 -29.40 -38.57 34.05
N ARG B 62 -30.11 -39.67 34.27
CA ARG B 62 -30.51 -40.07 35.62
C ARG B 62 -29.29 -40.29 36.54
N ALA B 63 -28.33 -41.09 36.09
CA ALA B 63 -27.10 -41.34 36.85
C ALA B 63 -26.35 -40.02 37.22
N PHE B 64 -26.28 -39.13 36.23
CA PHE B 64 -25.67 -37.80 36.43
C PHE B 64 -26.39 -37.00 37.50
N LEU B 65 -27.71 -36.87 37.36
CA LEU B 65 -28.52 -36.10 38.31
C LEU B 65 -28.51 -36.74 39.70
N GLU B 66 -28.59 -38.06 39.76
CA GLU B 66 -28.46 -38.79 41.03
C GLU B 66 -27.17 -38.49 41.80
N ARG B 67 -26.12 -38.03 41.14
CA ARG B 67 -24.91 -37.62 41.84
C ARG B 67 -24.93 -36.17 42.33
N GLY B 68 -26.06 -35.46 42.15
CA GLY B 68 -26.18 -34.07 42.59
C GLY B 68 -25.85 -33.01 41.55
N HIS B 69 -25.48 -33.44 40.34
CA HIS B 69 -25.15 -32.49 39.28
C HIS B 69 -26.41 -32.02 38.59
N THR B 70 -26.30 -30.93 37.83
CA THR B 70 -27.50 -30.23 37.29
C THR B 70 -27.42 -29.74 35.82
N GLU B 71 -26.23 -29.73 35.24
CA GLU B 71 -26.00 -29.00 34.01
C GLU B 71 -25.75 -29.96 32.84
N LEU B 72 -26.45 -29.75 31.72
CA LEU B 72 -26.33 -30.57 30.51
C LEU B 72 -25.88 -29.74 29.31
N ASP B 73 -24.93 -30.28 28.54
CA ASP B 73 -24.36 -29.60 27.38
C ASP B 73 -24.77 -30.32 26.08
N THR B 74 -25.51 -29.62 25.22
CA THR B 74 -25.85 -30.16 23.90
C THR B 74 -25.57 -29.14 22.84
N ALA B 75 -26.10 -29.35 21.65
CA ALA B 75 -25.83 -28.44 20.53
C ALA B 75 -26.80 -28.70 19.41
N PHE B 76 -27.05 -27.67 18.61
CA PHE B 76 -27.85 -27.81 17.40
C PHE B 76 -27.36 -28.96 16.53
N MET B 77 -26.03 -29.13 16.45
CA MET B 77 -25.44 -30.09 15.52
C MET B 77 -25.37 -31.54 16.01
N TYR B 78 -25.51 -31.76 17.32
CA TYR B 78 -25.25 -33.10 17.85
C TYR B 78 -26.25 -34.15 17.38
N SER B 79 -25.68 -35.25 16.89
CA SER B 79 -26.40 -36.33 16.21
C SER B 79 -27.52 -35.81 15.27
N ASP B 80 -27.18 -34.79 14.49
CA ASP B 80 -28.09 -34.20 13.52
C ASP B 80 -29.39 -33.77 14.16
N GLY B 81 -29.33 -33.22 15.36
CA GLY B 81 -30.56 -32.75 16.05
C GLY B 81 -31.20 -33.78 16.97
N GLN B 82 -30.64 -34.98 16.97
CA GLN B 82 -31.20 -36.11 17.75
C GLN B 82 -30.88 -35.98 19.24
N SER B 83 -29.72 -35.41 19.56
CA SER B 83 -29.34 -35.21 20.96
C SER B 83 -30.35 -34.32 21.69
N GLU B 84 -30.61 -33.14 21.13
CA GLU B 84 -31.58 -32.19 21.68
C GLU B 84 -32.98 -32.77 21.76
N THR B 85 -33.37 -33.49 20.71
CA THR B 85 -34.70 -34.07 20.64
C THR B 85 -34.88 -35.09 21.76
N ILE B 86 -33.87 -35.92 21.99
CA ILE B 86 -33.93 -36.90 23.06
C ILE B 86 -34.05 -36.22 24.42
N LEU B 87 -33.19 -35.24 24.67
CA LEU B 87 -33.25 -34.51 25.93
C LEU B 87 -34.59 -33.83 26.14
N GLY B 88 -35.18 -33.34 25.05
CA GLY B 88 -36.42 -32.59 25.10
C GLY B 88 -37.61 -33.48 25.44
N GLY B 89 -37.45 -34.78 25.16
CA GLY B 89 -38.48 -35.78 25.43
C GLY B 89 -38.36 -36.48 26.79
N LEU B 90 -37.45 -36.02 27.64
CA LEU B 90 -37.27 -36.69 28.94
C LEU B 90 -38.21 -36.15 30.03
N GLY B 91 -39.10 -35.23 29.67
CA GLY B 91 -40.00 -34.62 30.66
C GLY B 91 -39.30 -33.90 31.81
N LEU B 92 -38.16 -33.29 31.55
CA LEU B 92 -37.44 -32.55 32.60
C LEU B 92 -37.99 -31.12 32.81
N GLY B 93 -38.88 -30.66 31.93
CA GLY B 93 -39.40 -29.28 31.99
C GLY B 93 -38.34 -28.19 31.87
N LEU B 94 -37.57 -28.17 30.79
CA LEU B 94 -36.29 -27.42 30.77
C LEU B 94 -36.28 -25.88 30.92
N GLY B 95 -37.38 -25.17 30.72
CA GLY B 95 -37.35 -23.71 31.04
C GLY B 95 -38.42 -23.18 32.00
N CYS B 99 -36.86 -24.59 37.67
CA CYS B 99 -36.29 -25.81 37.09
C CYS B 99 -34.85 -26.08 37.50
N ARG B 100 -34.64 -27.27 38.06
CA ARG B 100 -33.37 -27.64 38.69
C ARG B 100 -32.30 -27.99 37.67
N VAL B 101 -32.73 -28.62 36.57
CA VAL B 101 -31.83 -29.01 35.51
C VAL B 101 -31.56 -27.82 34.59
N LYS B 102 -30.28 -27.58 34.31
CA LYS B 102 -29.85 -26.50 33.42
C LYS B 102 -29.45 -27.08 32.07
N ILE B 103 -29.82 -26.36 31.00
CA ILE B 103 -29.55 -26.79 29.64
C ILE B 103 -28.75 -25.73 28.88
N ALA B 104 -27.69 -26.19 28.22
CA ALA B 104 -26.93 -25.38 27.29
C ALA B 104 -27.02 -25.96 25.89
N THR B 105 -27.14 -25.06 24.90
CA THR B 105 -26.98 -25.44 23.51
C THR B 105 -26.13 -24.42 22.76
N LYS B 106 -25.91 -24.67 21.47
CA LYS B 106 -24.94 -23.92 20.65
C LYS B 106 -25.44 -23.81 19.22
N ALA B 107 -25.27 -22.62 18.63
CA ALA B 107 -25.41 -22.41 17.17
C ALA B 107 -24.04 -22.43 16.51
N ASN B 108 -23.95 -22.98 15.30
CA ASN B 108 -22.66 -23.08 14.61
C ASN B 108 -22.72 -22.53 13.17
N PRO B 109 -21.54 -22.19 12.60
CA PRO B 109 -21.49 -21.62 11.24
C PRO B 109 -21.35 -22.64 10.12
N TRP B 110 -21.33 -23.94 10.45
CA TRP B 110 -20.92 -24.96 9.48
C TRP B 110 -21.98 -25.30 8.44
N ASP B 111 -21.55 -26.00 7.39
CA ASP B 111 -22.41 -26.41 6.24
C ASP B 111 -23.17 -25.26 5.57
N GLY B 112 -22.52 -24.10 5.53
CA GLY B 112 -23.13 -22.93 4.92
C GLY B 112 -24.14 -22.15 5.75
N LYS B 113 -24.54 -22.65 6.93
CA LYS B 113 -25.33 -21.83 7.84
C LYS B 113 -24.29 -20.85 8.27
N SER B 114 -24.57 -19.57 8.30
CA SER B 114 -23.51 -18.72 8.85
C SER B 114 -23.74 -18.55 10.36
N LEU B 115 -23.12 -17.55 10.96
CA LEU B 115 -23.62 -16.99 12.22
C LEU B 115 -24.14 -15.56 11.94
N LYS B 116 -24.70 -15.36 10.74
CA LYS B 116 -25.50 -14.18 10.45
C LYS B 116 -26.77 -14.26 11.31
N PRO B 117 -27.33 -13.09 11.70
CA PRO B 117 -28.56 -13.00 12.54
C PRO B 117 -29.65 -14.04 12.25
N ASP B 118 -30.07 -14.14 10.99
CA ASP B 118 -31.13 -15.10 10.63
C ASP B 118 -30.75 -16.53 11.02
N SER B 119 -29.51 -16.92 10.76
CA SER B 119 -29.04 -18.27 11.10
C SER B 119 -29.01 -18.51 12.61
N VAL B 120 -28.53 -17.54 13.39
CA VAL B 120 -28.47 -17.65 14.84
C VAL B 120 -29.89 -17.86 15.41
N ARG B 121 -30.83 -17.02 14.98
CA ARG B 121 -32.22 -17.12 15.41
C ARG B 121 -32.81 -18.47 15.05
N SER B 122 -32.61 -18.86 13.81
CA SER B 122 -33.18 -20.08 13.28
C SER B 122 -32.66 -21.34 13.99
N GLN B 123 -31.35 -21.36 14.27
CA GLN B 123 -30.78 -22.47 15.04
C GLN B 123 -31.30 -22.49 16.48
N LEU B 124 -31.34 -21.35 17.15
CA LEU B 124 -31.82 -21.31 18.53
C LEU B 124 -33.29 -21.73 18.64
N GLU B 125 -34.14 -21.17 17.78
CA GLU B 125 -35.55 -21.49 17.78
C GLU B 125 -35.80 -22.98 17.52
N THR B 126 -35.03 -23.57 16.61
CA THR B 126 -35.15 -25.01 16.33
C THR B 126 -34.71 -25.84 17.55
N SER B 127 -33.64 -25.41 18.22
CA SER B 127 -33.19 -26.06 19.43
C SER B 127 -34.24 -25.97 20.53
N LEU B 128 -34.92 -24.83 20.61
CA LEU B 128 -35.98 -24.63 21.61
C LEU B 128 -37.17 -25.58 21.40
N LYS B 129 -37.56 -25.75 20.14
CA LYS B 129 -38.60 -26.69 19.81
C LYS B 129 -38.16 -28.13 20.15
N ARG B 130 -36.93 -28.49 19.80
CA ARG B 130 -36.46 -29.87 20.03
C ARG B 130 -36.38 -30.17 21.50
N LEU B 131 -35.84 -29.23 22.26
CA LEU B 131 -35.74 -29.34 23.73
C LEU B 131 -37.08 -29.16 24.45
N GLN B 132 -38.11 -28.77 23.69
CA GLN B 132 -39.46 -28.52 24.23
C GLN B 132 -39.39 -27.56 25.41
N CYS B 133 -38.71 -26.43 25.22
CA CYS B 133 -38.59 -25.45 26.28
C CYS B 133 -38.55 -24.01 25.75
N PRO B 134 -38.98 -23.04 26.59
CA PRO B 134 -39.14 -21.64 26.19
C PRO B 134 -37.82 -20.86 26.17
N GLN B 135 -36.86 -21.27 27.00
CA GLN B 135 -35.57 -20.66 26.98
C GLN B 135 -34.52 -21.62 27.49
N VAL B 136 -33.30 -21.46 26.99
CA VAL B 136 -32.16 -22.22 27.48
C VAL B 136 -31.37 -21.39 28.47
N ASP B 137 -30.72 -22.07 29.39
CA ASP B 137 -29.96 -21.42 30.44
C ASP B 137 -28.64 -20.85 29.91
N LEU B 138 -28.10 -21.45 28.86
CA LEU B 138 -26.81 -21.04 28.29
C LEU B 138 -26.83 -21.29 26.78
N PHE B 139 -26.52 -20.25 26.03
CA PHE B 139 -26.48 -20.32 24.57
C PHE B 139 -25.08 -19.98 24.08
N TYR B 140 -24.45 -20.90 23.36
CA TYR B 140 -23.10 -20.67 22.84
C TYR B 140 -23.04 -20.38 21.35
N LEU B 141 -22.07 -19.56 20.96
CA LEU B 141 -21.54 -19.55 19.59
C LEU B 141 -20.49 -20.67 19.57
N HIS B 142 -20.75 -21.68 18.77
CA HIS B 142 -20.08 -22.96 18.91
C HIS B 142 -18.64 -22.87 18.41
N ALA B 143 -18.46 -22.07 17.36
CA ALA B 143 -17.14 -21.81 16.77
C ALA B 143 -17.29 -20.52 16.01
N PRO B 144 -16.16 -19.79 15.77
CA PRO B 144 -16.21 -18.54 15.01
C PRO B 144 -16.70 -18.63 13.55
N ASP B 145 -17.44 -17.62 13.14
CA ASP B 145 -17.77 -17.47 11.72
C ASP B 145 -16.88 -16.35 11.18
N HIS B 146 -15.79 -16.72 10.53
CA HIS B 146 -14.84 -15.75 10.01
C HIS B 146 -15.31 -14.98 8.77
N GLY B 147 -16.43 -15.39 8.19
CA GLY B 147 -17.02 -14.67 7.10
C GLY B 147 -18.05 -13.62 7.49
N THR B 148 -18.39 -13.54 8.77
CA THR B 148 -19.45 -12.66 9.26
C THR B 148 -18.88 -11.78 10.34
N PRO B 149 -18.97 -10.44 10.21
CA PRO B 149 -18.48 -9.56 11.29
C PRO B 149 -19.15 -9.89 12.60
N VAL B 150 -18.32 -10.02 13.64
CA VAL B 150 -18.77 -10.54 14.92
C VAL B 150 -19.82 -9.62 15.56
N GLU B 151 -19.77 -8.33 15.26
CA GLU B 151 -20.73 -7.37 15.79
C GLU B 151 -22.16 -7.68 15.32
N GLU B 152 -22.29 -8.17 14.09
CA GLU B 152 -23.58 -8.66 13.59
C GLU B 152 -24.10 -9.81 14.42
N THR B 153 -23.30 -10.85 14.55
CA THR B 153 -23.66 -12.01 15.37
C THR B 153 -24.09 -11.58 16.77
N LEU B 154 -23.28 -10.73 17.42
CA LEU B 154 -23.55 -10.30 18.80
C LEU B 154 -24.82 -9.46 18.97
N HIS B 155 -25.13 -8.62 17.99
CA HIS B 155 -26.39 -7.88 18.01
C HIS B 155 -27.61 -8.84 17.97
N ALA B 156 -27.51 -9.90 17.17
CA ALA B 156 -28.52 -10.95 17.13
C ALA B 156 -28.68 -11.63 18.50
N CYS B 157 -27.57 -11.93 19.16
CA CYS B 157 -27.62 -12.53 20.50
C CYS B 157 -28.24 -11.59 21.52
N GLN B 158 -27.90 -10.31 21.45
CA GLN B 158 -28.53 -9.33 22.33
C GLN B 158 -30.06 -9.34 22.15
N ARG B 159 -30.50 -9.24 20.91
CA ARG B 159 -31.92 -9.26 20.61
C ARG B 159 -32.60 -10.52 21.13
N LEU B 160 -31.99 -11.68 20.87
CA LEU B 160 -32.54 -12.96 21.32
C LEU B 160 -32.58 -13.09 22.84
N HIS B 161 -31.60 -12.50 23.52
CA HIS B 161 -31.62 -12.42 24.96
C HIS B 161 -32.78 -11.49 25.43
N GLN B 162 -32.94 -10.32 24.80
CA GLN B 162 -34.02 -9.39 25.14
C GLN B 162 -35.37 -10.09 25.02
N GLU B 163 -35.49 -11.01 24.07
CA GLU B 163 -36.72 -11.78 23.85
C GLU B 163 -36.92 -12.90 24.86
N GLY B 164 -35.90 -13.17 25.68
CA GLY B 164 -35.97 -14.22 26.68
C GLY B 164 -35.79 -15.61 26.13
N LYS B 165 -35.06 -15.78 25.02
CA LYS B 165 -34.81 -17.12 24.47
C LYS B 165 -33.63 -17.85 25.16
N PHE B 166 -32.77 -17.07 25.81
CA PHE B 166 -31.67 -17.64 26.58
C PHE B 166 -31.24 -16.69 27.70
N VAL B 167 -30.70 -17.26 28.78
CA VAL B 167 -30.32 -16.51 29.96
C VAL B 167 -28.87 -16.00 29.85
N GLU B 168 -27.91 -16.92 29.69
CA GLU B 168 -26.49 -16.54 29.53
C GLU B 168 -25.94 -16.86 28.16
N LEU B 169 -24.97 -16.04 27.76
CA LEU B 169 -24.24 -16.24 26.52
C LEU B 169 -22.87 -16.86 26.77
N GLY B 170 -22.52 -17.82 25.91
CA GLY B 170 -21.21 -18.46 25.92
C GLY B 170 -20.47 -18.39 24.60
N LEU B 171 -19.15 -18.60 24.65
CA LEU B 171 -18.30 -18.75 23.48
C LEU B 171 -17.54 -20.07 23.52
N SER B 172 -17.31 -20.65 22.35
CA SER B 172 -16.50 -21.83 22.23
C SER B 172 -15.62 -21.70 21.01
N ASN B 173 -14.37 -22.12 21.17
CA ASN B 173 -13.40 -22.21 20.10
C ASN B 173 -12.95 -20.85 19.48
N TYR B 174 -13.17 -19.75 20.21
CA TYR B 174 -12.66 -18.43 19.81
C TYR B 174 -11.27 -18.20 20.44
N ALA B 175 -10.35 -17.56 19.73
CA ALA B 175 -9.06 -17.21 20.34
C ALA B 175 -9.25 -16.21 21.52
N SER B 176 -8.31 -16.19 22.46
CA SER B 176 -8.37 -15.22 23.56
C SER B 176 -8.59 -13.80 23.03
N TRP B 177 -7.94 -13.46 21.93
CA TRP B 177 -8.05 -12.10 21.42
C TRP B 177 -9.41 -11.80 20.82
N GLU B 178 -10.07 -12.83 20.30
CA GLU B 178 -11.41 -12.69 19.77
C GLU B 178 -12.43 -12.54 20.90
N VAL B 179 -12.20 -13.25 22.00
CA VAL B 179 -13.00 -13.10 23.19
C VAL B 179 -12.91 -11.68 23.74
N ALA B 180 -11.69 -11.14 23.79
CA ALA B 180 -11.48 -9.77 24.26
C ALA B 180 -12.18 -8.74 23.37
N GLU B 181 -12.08 -8.91 22.06
CA GLU B 181 -12.77 -8.03 21.12
C GLU B 181 -14.26 -8.05 21.37
N ILE B 182 -14.81 -9.25 21.43
CA ILE B 182 -16.23 -9.45 21.70
C ILE B 182 -16.69 -8.77 23.00
N CYS B 183 -15.97 -8.98 24.09
CA CYS B 183 -16.37 -8.45 25.39
C CYS B 183 -16.31 -6.94 25.37
N THR B 184 -15.28 -6.40 24.74
CA THR B 184 -15.12 -4.97 24.60
C THR B 184 -16.22 -4.36 23.72
N LEU B 185 -16.59 -5.02 22.64
CA LEU B 185 -17.72 -4.55 21.82
C LEU B 185 -19.03 -4.54 22.59
N CYS B 186 -19.30 -5.61 23.34
CA CYS B 186 -20.54 -5.70 24.14
C CYS B 186 -20.64 -4.63 25.20
N LYS B 187 -19.54 -4.39 25.92
CA LYS B 187 -19.51 -3.33 26.92
C LYS B 187 -19.84 -1.99 26.30
N SER B 188 -19.19 -1.66 25.18
CA SER B 188 -19.39 -0.36 24.54
C SER B 188 -20.80 -0.19 23.99
N ASN B 189 -21.37 -1.28 23.47
CA ASN B 189 -22.70 -1.24 22.91
C ASN B 189 -23.80 -1.45 23.95
N GLY B 190 -23.43 -1.72 25.20
CA GLY B 190 -24.41 -2.02 26.24
C GLY B 190 -25.10 -3.38 26.11
N TRP B 191 -24.47 -4.31 25.41
CA TRP B 191 -25.05 -5.64 25.18
C TRP B 191 -24.61 -6.66 26.22
N ILE B 192 -25.37 -7.75 26.30
CA ILE B 192 -24.99 -8.88 27.16
C ILE B 192 -23.59 -9.42 26.81
N LEU B 193 -22.76 -9.57 27.84
CA LEU B 193 -21.42 -10.14 27.68
C LEU B 193 -21.52 -11.64 27.80
N PRO B 194 -20.63 -12.35 27.12
CA PRO B 194 -20.54 -13.76 27.41
C PRO B 194 -19.96 -14.00 28.83
N THR B 195 -20.41 -15.06 29.47
CA THR B 195 -20.02 -15.35 30.84
C THR B 195 -19.43 -16.75 30.99
N VAL B 196 -19.44 -17.52 29.90
CA VAL B 196 -18.94 -18.90 29.88
C VAL B 196 -18.12 -19.09 28.62
N TYR B 197 -16.96 -19.72 28.75
CA TYR B 197 -16.16 -20.18 27.62
C TYR B 197 -16.02 -21.69 27.77
N GLN B 198 -16.35 -22.40 26.70
CA GLN B 198 -16.22 -23.85 26.64
C GLN B 198 -15.04 -24.16 25.72
N GLY B 199 -13.99 -24.75 26.30
CA GLY B 199 -12.74 -24.96 25.58
C GLY B 199 -12.09 -26.31 25.78
N MET B 200 -11.24 -26.68 24.82
CA MET B 200 -10.45 -27.89 24.85
C MET B 200 -9.39 -27.87 25.94
N TYR B 201 -9.46 -28.80 26.89
CA TYR B 201 -8.53 -28.81 28.04
C TYR B 201 -8.49 -30.17 28.68
N ASN B 202 -7.28 -30.70 28.82
CA ASN B 202 -7.04 -31.94 29.52
C ASN B 202 -5.58 -31.99 29.95
N ALA B 203 -5.20 -33.03 30.66
CA ALA B 203 -3.88 -33.09 31.32
C ALA B 203 -2.70 -32.95 30.33
N THR B 204 -2.93 -33.29 29.07
CA THR B 204 -1.89 -33.24 28.03
C THR B 204 -2.17 -32.23 26.93
N THR B 205 -3.14 -31.34 27.17
CA THR B 205 -3.59 -30.37 26.17
C THR B 205 -3.91 -29.12 26.96
N ARG B 206 -2.93 -28.21 27.11
CA ARG B 206 -3.01 -27.07 28.04
C ARG B 206 -2.72 -25.71 27.40
N GLN B 207 -2.82 -25.63 26.07
CA GLN B 207 -2.57 -24.39 25.36
C GLN B 207 -3.40 -23.26 25.93
N VAL B 208 -4.66 -23.54 26.32
CA VAL B 208 -5.57 -22.52 26.92
C VAL B 208 -5.01 -21.78 28.16
N GLU B 209 -4.05 -22.38 28.85
CA GLU B 209 -3.55 -21.80 30.09
C GLU B 209 -2.74 -20.53 29.90
N THR B 210 -2.11 -20.38 28.73
CA THR B 210 -1.18 -19.29 28.52
C THR B 210 -1.81 -17.91 28.34
N GLU B 211 -2.82 -17.83 27.46
CA GLU B 211 -3.46 -16.54 27.14
C GLU B 211 -4.95 -16.54 27.42
N LEU B 212 -5.60 -17.65 27.16
CA LEU B 212 -7.04 -17.69 27.30
C LEU B 212 -7.48 -17.54 28.75
N PHE B 213 -6.89 -18.33 29.64
CA PHE B 213 -7.27 -18.27 31.04
C PHE B 213 -7.12 -16.90 31.66
N PRO B 214 -5.95 -16.25 31.47
CA PRO B 214 -5.86 -14.85 31.89
C PRO B 214 -6.95 -13.91 31.30
N CYS B 215 -7.25 -14.05 30.02
CA CYS B 215 -8.29 -13.23 29.40
C CYS B 215 -9.67 -13.44 30.08
N LEU B 216 -10.04 -14.70 30.27
CA LEU B 216 -11.32 -15.05 30.87
C LEU B 216 -11.49 -14.48 32.28
N ARG B 217 -10.39 -14.49 33.03
CA ARG B 217 -10.40 -14.00 34.41
C ARG B 217 -10.61 -12.51 34.46
N HIS B 218 -10.01 -11.83 33.48
CA HIS B 218 -10.14 -10.41 33.33
C HIS B 218 -11.57 -9.95 32.96
N PHE B 219 -12.22 -10.71 32.06
CA PHE B 219 -13.54 -10.35 31.57
C PHE B 219 -14.67 -11.05 32.33
N GLY B 220 -14.30 -11.93 33.26
CA GLY B 220 -15.28 -12.60 34.12
C GLY B 220 -16.02 -13.78 33.49
N LEU B 221 -15.31 -14.56 32.66
CA LEU B 221 -15.91 -15.75 32.09
C LEU B 221 -15.46 -16.98 32.86
N ARG B 222 -16.38 -17.86 33.24
CA ARG B 222 -15.98 -19.19 33.74
C ARG B 222 -15.70 -20.11 32.57
N PHE B 223 -14.95 -21.16 32.84
CA PHE B 223 -14.48 -22.04 31.81
C PHE B 223 -15.00 -23.47 32.02
N TYR B 224 -15.58 -24.05 30.98
CA TYR B 224 -15.99 -25.45 30.94
C TYR B 224 -15.09 -26.24 29.98
N ALA B 225 -14.43 -27.27 30.49
CA ALA B 225 -13.48 -28.05 29.70
C ALA B 225 -14.18 -29.17 28.94
N TYR B 226 -13.95 -29.24 27.64
CA TYR B 226 -14.32 -30.42 26.83
C TYR B 226 -13.05 -31.17 26.40
N ASN B 227 -13.25 -32.36 25.81
CA ASN B 227 -12.19 -33.36 25.57
C ASN B 227 -11.32 -33.64 26.85
N PRO B 228 -11.95 -33.76 28.05
CA PRO B 228 -11.14 -34.01 29.25
C PRO B 228 -10.33 -35.32 29.26
N LEU B 229 -10.74 -36.30 28.44
CA LEU B 229 -9.93 -37.53 28.27
C LEU B 229 -9.26 -37.58 26.89
N ALA B 230 -9.11 -36.44 26.26
CA ALA B 230 -8.60 -36.39 24.91
C ALA B 230 -9.41 -37.32 23.94
N GLY B 231 -10.74 -37.19 24.00
CA GLY B 231 -11.63 -38.05 23.20
C GLY B 231 -11.54 -39.54 23.55
N GLY B 232 -10.87 -39.88 24.65
CA GLY B 232 -10.69 -41.28 25.08
C GLY B 232 -9.25 -41.76 25.04
N LEU B 233 -8.35 -40.96 24.49
CA LEU B 233 -6.94 -41.36 24.43
C LEU B 233 -6.37 -41.55 25.83
N LEU B 234 -6.76 -40.66 26.75
CA LEU B 234 -6.29 -40.66 28.14
C LEU B 234 -6.89 -41.78 29.01
N THR B 235 -7.61 -42.72 28.39
CA THR B 235 -8.04 -43.95 29.06
C THR B 235 -6.97 -44.98 29.00
N GLY B 236 -6.00 -44.76 28.11
CA GLY B 236 -4.92 -45.73 27.89
C GLY B 236 -5.35 -46.99 27.14
N LYS B 237 -6.54 -46.98 26.53
CA LYS B 237 -7.09 -48.15 25.88
C LYS B 237 -6.54 -48.35 24.48
N TYR B 238 -5.75 -47.41 23.98
CA TYR B 238 -5.20 -47.54 22.64
C TYR B 238 -3.66 -47.69 22.65
N LYS B 239 -3.13 -48.23 21.56
CA LYS B 239 -1.69 -48.22 21.24
C LYS B 239 -1.55 -47.44 19.95
N TYR B 240 -0.45 -46.72 19.79
CA TYR B 240 -0.22 -45.91 18.58
C TYR B 240 -0.41 -46.69 17.25
N GLU B 241 0.08 -47.93 17.23
CA GLU B 241 0.03 -48.81 16.06
C GLU B 241 -1.39 -49.29 15.70
N ASP B 242 -2.39 -49.03 16.55
CA ASP B 242 -3.79 -49.35 16.25
C ASP B 242 -4.30 -48.67 14.99
N LYS B 243 -3.66 -47.56 14.60
CA LYS B 243 -4.03 -46.84 13.40
C LYS B 243 -3.74 -47.59 12.12
N ASP B 244 -2.78 -48.51 12.14
CA ASP B 244 -2.42 -49.28 10.94
C ASP B 244 -3.35 -50.49 10.78
N GLY B 245 -3.30 -51.41 11.74
CA GLY B 245 -4.08 -52.65 11.67
C GLY B 245 -5.48 -52.60 12.27
N LYS B 246 -5.57 -52.55 13.60
CA LYS B 246 -6.83 -52.75 14.31
C LYS B 246 -7.89 -51.70 13.95
N GLN B 247 -7.55 -50.42 14.06
CA GLN B 247 -8.48 -49.32 13.82
C GLN B 247 -9.82 -49.56 14.53
N PRO B 248 -9.78 -49.69 15.86
CA PRO B 248 -10.99 -49.94 16.64
C PRO B 248 -12.04 -48.82 16.50
N VAL B 249 -13.24 -49.23 16.12
CA VAL B 249 -14.39 -48.33 15.94
C VAL B 249 -14.68 -47.55 17.22
N GLY B 250 -14.81 -46.24 17.07
CA GLY B 250 -14.95 -45.33 18.18
C GLY B 250 -14.59 -43.91 17.79
N ARG B 251 -14.18 -43.11 18.77
CA ARG B 251 -13.91 -41.71 18.52
C ARG B 251 -12.89 -41.49 17.40
N PHE B 252 -11.93 -42.41 17.30
CA PHE B 252 -10.78 -42.25 16.43
C PHE B 252 -10.81 -43.02 15.13
N PHE B 253 -11.80 -43.90 14.94
CA PHE B 253 -11.92 -44.67 13.69
C PHE B 253 -13.37 -44.96 13.34
N GLY B 254 -13.65 -44.90 12.02
CA GLY B 254 -14.88 -45.43 11.44
C GLY B 254 -16.03 -44.48 11.36
N ASN B 255 -15.75 -43.20 11.50
CA ASN B 255 -16.79 -42.19 11.45
C ASN B 255 -16.27 -40.87 10.86
N SER B 256 -17.21 -39.97 10.62
CA SER B 256 -16.97 -38.72 9.90
C SER B 256 -15.99 -37.76 10.58
N TRP B 257 -15.87 -37.84 11.90
CA TRP B 257 -14.96 -36.98 12.68
C TRP B 257 -13.67 -37.65 13.17
N ALA B 258 -13.51 -38.96 12.88
CA ALA B 258 -12.36 -39.76 13.33
C ALA B 258 -11.03 -39.11 12.91
N GLU B 259 -10.96 -38.70 11.64
CA GLU B 259 -9.74 -38.11 11.13
C GLU B 259 -9.40 -36.79 11.83
N THR B 260 -10.42 -35.97 12.12
CA THR B 260 -10.22 -34.75 12.90
C THR B 260 -9.62 -35.10 14.25
N TYR B 261 -10.16 -36.13 14.89
CA TYR B 261 -9.71 -36.55 16.22
C TYR B 261 -8.31 -37.15 16.18
N ARG B 262 -7.98 -37.88 15.13
CA ARG B 262 -6.61 -38.39 14.96
C ARG B 262 -5.60 -37.25 14.80
N ASN B 263 -5.96 -36.27 13.98
CA ASN B 263 -5.13 -35.09 13.76
C ASN B 263 -4.98 -34.28 15.05
N ARG B 264 -5.99 -34.30 15.90
CA ARG B 264 -5.96 -33.56 17.15
C ARG B 264 -5.06 -34.21 18.21
N PHE B 265 -5.21 -35.53 18.39
CA PHE B 265 -4.57 -36.23 19.51
C PHE B 265 -3.69 -37.46 19.17
N TRP B 266 -3.93 -38.09 18.03
CA TRP B 266 -3.31 -39.39 17.76
C TRP B 266 -1.85 -39.21 17.28
N LYS B 267 -0.97 -38.93 18.24
CA LYS B 267 0.42 -38.61 17.96
C LYS B 267 1.31 -39.51 18.82
N GLU B 268 2.43 -39.96 18.26
CA GLU B 268 3.33 -40.87 18.95
C GLU B 268 3.75 -40.31 20.32
N HIS B 269 4.08 -39.03 20.35
CA HIS B 269 4.56 -38.39 21.58
C HIS B 269 3.49 -38.35 22.65
N HIS B 270 2.24 -38.35 22.21
CA HIS B 270 1.12 -38.45 23.11
C HIS B 270 1.01 -39.82 23.78
N PHE B 271 1.26 -40.89 23.02
CA PHE B 271 1.28 -42.23 23.57
C PHE B 271 2.49 -42.43 24.51
N GLU B 272 3.66 -41.87 24.17
CA GLU B 272 4.81 -41.86 25.07
C GLU B 272 4.42 -41.22 26.40
N ALA B 273 3.70 -40.09 26.31
CA ALA B 273 3.24 -39.29 27.45
C ALA B 273 2.33 -40.08 28.39
N ILE B 274 1.38 -40.77 27.77
CA ILE B 274 0.49 -41.66 28.49
C ILE B 274 1.25 -42.78 29.21
N ALA B 275 2.20 -43.42 28.54
CA ALA B 275 2.99 -44.50 29.15
C ALA B 275 3.81 -44.00 30.35
N LEU B 276 4.33 -42.78 30.25
CA LEU B 276 5.06 -42.15 31.34
C LEU B 276 4.16 -41.98 32.57
N VAL B 277 2.92 -41.54 32.35
CA VAL B 277 1.97 -41.41 33.45
C VAL B 277 1.60 -42.78 34.03
N GLU B 278 1.34 -43.77 33.17
CA GLU B 278 1.03 -45.11 33.67
C GLU B 278 2.19 -45.64 34.53
N LYS B 279 3.44 -45.42 34.11
CA LYS B 279 4.58 -45.89 34.91
C LYS B 279 4.62 -45.19 36.29
N ALA B 280 4.28 -43.91 36.33
CA ALA B 280 4.28 -43.16 37.58
C ALA B 280 3.15 -43.61 38.49
N LEU B 281 2.01 -44.00 37.91
CA LEU B 281 0.90 -44.53 38.69
C LEU B 281 1.30 -45.84 39.36
N GLN B 282 1.95 -46.72 38.61
CA GLN B 282 2.51 -47.97 39.15
C GLN B 282 3.54 -47.70 40.25
N ALA B 283 4.47 -46.79 39.99
CA ALA B 283 5.50 -46.44 40.96
C ALA B 283 4.89 -45.84 42.23
N ALA B 284 4.02 -44.86 42.09
CA ALA B 284 3.49 -44.13 43.25
C ALA B 284 2.56 -44.96 44.14
N TYR B 285 1.73 -45.79 43.51
CA TYR B 285 0.69 -46.50 44.26
C TYR B 285 0.85 -48.03 44.28
N GLY B 286 1.72 -48.58 43.44
CA GLY B 286 1.88 -50.03 43.36
C GLY B 286 0.56 -50.69 43.03
N ALA B 287 0.26 -51.78 43.74
CA ALA B 287 -0.95 -52.57 43.53
C ALA B 287 -2.23 -51.75 43.65
N SER B 288 -2.17 -50.68 44.44
CA SER B 288 -3.34 -49.82 44.67
C SER B 288 -3.56 -48.72 43.61
N ALA B 289 -2.82 -48.79 42.50
CA ALA B 289 -2.88 -47.73 41.49
C ALA B 289 -4.26 -47.59 40.87
N PRO B 290 -4.74 -46.33 40.72
CA PRO B 290 -5.95 -46.14 39.94
C PRO B 290 -5.69 -46.30 38.44
N SER B 291 -6.79 -46.38 37.70
CA SER B 291 -6.74 -46.39 36.24
C SER B 291 -6.26 -45.06 35.75
N VAL B 292 -5.65 -45.04 34.56
CA VAL B 292 -5.23 -43.78 33.95
C VAL B 292 -6.43 -42.85 33.62
N THR B 293 -7.55 -43.43 33.25
CA THR B 293 -8.80 -42.67 33.14
C THR B 293 -9.13 -41.90 34.41
N SER B 294 -9.14 -42.62 35.53
CA SER B 294 -9.43 -42.03 36.85
C SER B 294 -8.43 -40.91 37.18
N ALA B 295 -7.15 -41.18 36.97
CA ALA B 295 -6.09 -40.20 37.14
C ALA B 295 -6.27 -38.94 36.27
N ALA B 296 -6.55 -39.14 34.98
CA ALA B 296 -6.68 -38.01 34.07
C ALA B 296 -7.84 -37.08 34.46
N LEU B 297 -8.92 -37.67 34.97
CA LEU B 297 -10.05 -36.91 35.40
C LEU B 297 -9.78 -36.22 36.73
N ARG B 298 -9.07 -36.90 37.65
CA ARG B 298 -8.70 -36.29 38.93
C ARG B 298 -7.73 -35.11 38.74
N TRP B 299 -6.82 -35.23 37.77
CA TRP B 299 -6.01 -34.09 37.35
C TRP B 299 -6.87 -32.85 37.11
N MET B 300 -7.92 -33.01 36.32
CA MET B 300 -8.81 -31.90 35.98
C MET B 300 -9.46 -31.27 37.22
N TYR B 301 -9.99 -32.11 38.08
CA TYR B 301 -10.72 -31.63 39.25
C TYR B 301 -9.84 -31.12 40.38
N HIS B 302 -8.59 -31.55 40.42
CA HIS B 302 -7.75 -31.29 41.60
C HIS B 302 -6.41 -30.59 41.31
N HIS B 303 -5.95 -30.66 40.05
CA HIS B 303 -4.62 -30.21 39.72
C HIS B 303 -4.51 -29.34 38.47
N SER B 304 -5.65 -28.93 37.90
CA SER B 304 -5.64 -28.09 36.68
C SER B 304 -5.78 -26.61 37.06
N GLN B 305 -5.95 -25.73 36.08
CA GLN B 305 -6.25 -24.31 36.37
C GLN B 305 -7.71 -24.04 36.67
N LEU B 306 -8.55 -25.07 36.48
CA LEU B 306 -9.97 -24.97 36.83
C LEU B 306 -10.12 -24.71 38.33
N GLN B 307 -10.98 -23.75 38.66
CA GLN B 307 -11.27 -23.35 40.03
C GLN B 307 -12.77 -23.32 40.30
N GLY B 308 -13.20 -24.07 41.30
CA GLY B 308 -14.58 -24.04 41.73
C GLY B 308 -15.02 -22.64 42.14
N ALA B 309 -14.08 -21.87 42.70
CA ALA B 309 -14.34 -20.49 43.09
C ALA B 309 -14.75 -19.60 41.92
N HIS B 310 -14.32 -19.95 40.71
CA HIS B 310 -14.72 -19.23 39.49
C HIS B 310 -15.93 -19.84 38.81
N GLY B 311 -16.47 -20.93 39.35
CA GLY B 311 -17.56 -21.66 38.69
C GLY B 311 -17.15 -22.57 37.52
N ASP B 312 -15.84 -22.82 37.40
CA ASP B 312 -15.30 -23.65 36.32
C ASP B 312 -15.87 -25.06 36.40
N ALA B 313 -15.90 -25.74 35.26
CA ALA B 313 -16.47 -27.10 35.19
C ALA B 313 -15.74 -27.99 34.20
N VAL B 314 -15.89 -29.30 34.40
CA VAL B 314 -15.46 -30.30 33.44
C VAL B 314 -16.71 -30.82 32.75
N ILE B 315 -16.68 -30.90 31.42
CA ILE B 315 -17.78 -31.54 30.69
C ILE B 315 -17.42 -32.99 30.42
N LEU B 316 -18.11 -33.88 31.12
CA LEU B 316 -17.81 -35.30 31.01
C LEU B 316 -18.31 -35.83 29.69
N GLY B 317 -17.55 -36.76 29.10
CA GLY B 317 -17.94 -37.46 27.90
C GLY B 317 -18.08 -38.94 28.12
N MET B 318 -18.87 -39.58 27.27
CA MET B 318 -19.13 -41.02 27.32
C MET B 318 -19.84 -41.49 26.05
N SER B 319 -19.62 -42.73 25.67
CA SER B 319 -20.41 -43.29 24.59
C SER B 319 -21.26 -44.46 25.08
N SER B 320 -21.25 -44.68 26.40
CA SER B 320 -22.11 -45.64 27.09
C SER B 320 -22.30 -45.27 28.59
N LEU B 321 -23.28 -45.88 29.21
CA LEU B 321 -23.62 -45.67 30.61
C LEU B 321 -22.50 -46.19 31.55
N GLU B 322 -21.86 -47.29 31.20
CA GLU B 322 -20.80 -47.84 32.03
C GLU B 322 -19.60 -46.89 32.07
N GLN B 323 -19.29 -46.30 30.92
CA GLN B 323 -18.27 -45.28 30.83
C GLN B 323 -18.59 -44.14 31.73
N LEU B 324 -19.82 -43.64 31.62
CA LEU B 324 -20.27 -42.52 32.45
C LEU B 324 -20.17 -42.79 33.95
N GLU B 325 -20.57 -43.99 34.36
CA GLU B 325 -20.59 -44.35 35.77
C GLU B 325 -19.17 -44.46 36.30
N GLN B 326 -18.28 -45.03 35.49
CA GLN B 326 -16.87 -45.09 35.83
C GLN B 326 -16.29 -43.67 35.99
N ASN B 327 -16.64 -42.78 35.06
CA ASN B 327 -16.16 -41.40 35.07
C ASN B 327 -16.70 -40.63 36.26
N LEU B 328 -18.00 -40.77 36.55
CA LEU B 328 -18.59 -40.15 37.73
C LEU B 328 -17.90 -40.57 39.05
N ALA B 329 -17.55 -41.83 39.17
CA ALA B 329 -16.81 -42.28 40.34
C ALA B 329 -15.44 -41.57 40.49
N ALA B 330 -14.74 -41.38 39.38
CA ALA B 330 -13.45 -40.71 39.40
C ALA B 330 -13.58 -39.27 39.84
N THR B 331 -14.71 -38.63 39.50
CA THR B 331 -14.93 -37.23 39.89
C THR B 331 -15.00 -37.09 41.39
N GLU B 332 -15.43 -38.14 42.08
CA GLU B 332 -15.52 -38.12 43.56
C GLU B 332 -14.23 -38.60 44.22
N GLU B 333 -13.24 -39.04 43.46
CA GLU B 333 -11.96 -39.45 44.05
C GLU B 333 -11.14 -38.19 44.36
N GLY B 334 -10.15 -38.35 45.24
CA GLY B 334 -9.40 -37.20 45.75
C GLY B 334 -8.17 -36.87 44.91
N PRO B 335 -7.34 -35.93 45.37
CA PRO B 335 -6.13 -35.60 44.65
C PRO B 335 -5.12 -36.76 44.49
N LEU B 336 -4.19 -36.56 43.59
CA LEU B 336 -3.18 -37.54 43.28
C LEU B 336 -1.88 -37.24 44.03
N GLU B 337 -1.08 -38.28 44.18
CA GLU B 337 0.26 -38.13 44.72
C GLU B 337 1.05 -37.13 43.86
N PRO B 338 1.83 -36.25 44.50
CA PRO B 338 2.70 -35.24 43.84
C PRO B 338 3.48 -35.75 42.64
N ALA B 339 4.04 -36.96 42.77
CA ALA B 339 4.85 -37.58 41.73
C ALA B 339 4.08 -37.87 40.47
N VAL B 340 2.79 -38.16 40.62
CA VAL B 340 1.90 -38.39 39.49
C VAL B 340 1.53 -37.07 38.83
N VAL B 341 1.33 -36.02 39.64
CA VAL B 341 1.06 -34.68 39.13
C VAL B 341 2.27 -34.17 38.36
N ASP B 342 3.47 -34.42 38.85
CA ASP B 342 4.71 -34.10 38.13
C ASP B 342 4.85 -34.92 36.84
N ALA B 343 4.49 -36.20 36.89
CA ALA B 343 4.52 -37.03 35.69
C ALA B 343 3.58 -36.48 34.63
N PHE B 344 2.42 -35.98 35.03
CA PHE B 344 1.46 -35.39 34.09
C PHE B 344 2.05 -34.15 33.45
N ASN B 345 2.83 -33.38 34.23
CA ASN B 345 3.51 -32.19 33.72
C ASN B 345 4.60 -32.56 32.73
N GLN B 346 5.38 -33.58 33.05
CA GLN B 346 6.38 -34.12 32.14
C GLN B 346 5.74 -34.58 30.84
N ALA B 347 4.56 -35.18 30.96
CA ALA B 347 3.79 -35.66 29.82
C ALA B 347 3.33 -34.52 28.88
N TRP B 348 2.78 -33.49 29.49
CA TRP B 348 2.44 -32.27 28.77
C TRP B 348 3.67 -31.67 28.02
N HIS B 349 4.79 -31.57 28.70
CA HIS B 349 5.99 -31.06 28.03
C HIS B 349 6.45 -31.89 26.83
N LEU B 350 6.17 -33.18 26.85
CA LEU B 350 6.43 -34.07 25.72
C LEU B 350 5.61 -33.71 24.46
N VAL B 351 4.39 -33.26 24.69
CA VAL B 351 3.46 -33.00 23.59
C VAL B 351 3.21 -31.51 23.29
N ALA B 352 3.69 -30.61 24.14
CA ALA B 352 3.38 -29.18 24.03
C ALA B 352 3.72 -28.59 22.68
N HIS B 353 4.81 -29.07 22.08
CA HIS B 353 5.23 -28.60 20.76
C HIS B 353 4.21 -28.88 19.64
N GLU B 354 3.34 -29.86 19.84
CA GLU B 354 2.37 -30.25 18.84
C GLU B 354 0.96 -30.20 19.37
N CYS B 355 0.72 -29.38 20.38
CA CYS B 355 -0.61 -29.23 20.93
C CYS B 355 -1.57 -28.68 19.88
N PRO B 356 -2.79 -29.26 19.78
CA PRO B 356 -3.76 -28.67 18.85
C PRO B 356 -4.23 -27.33 19.37
N ASN B 357 -4.59 -26.46 18.44
CA ASN B 357 -5.13 -25.15 18.76
C ASN B 357 -6.51 -25.27 19.40
N TYR B 358 -6.74 -24.47 20.46
CA TYR B 358 -8.01 -24.43 21.16
C TYR B 358 -9.01 -23.61 20.37
N PHE B 359 -8.52 -22.84 19.41
CA PHE B 359 -9.36 -21.95 18.62
C PHE B 359 -9.42 -22.44 17.17
N ARG B 360 -10.49 -22.02 16.47
CA ARG B 360 -10.80 -22.39 15.08
C ARG B 360 -11.18 -21.15 14.26
N ARG C 38 -9.14 -7.72 -28.02
CA ARG C 38 -7.83 -7.53 -27.32
C ARG C 38 -7.80 -6.28 -26.44
N VAL C 39 -8.09 -5.07 -26.94
CA VAL C 39 -8.43 -3.96 -26.02
C VAL C 39 -9.67 -4.38 -25.16
N ALA C 40 -9.50 -4.31 -23.83
CA ALA C 40 -10.53 -4.75 -22.91
C ALA C 40 -11.68 -3.75 -22.72
N SER C 41 -12.74 -4.24 -22.09
CA SER C 41 -13.91 -3.42 -21.73
C SER C 41 -14.18 -3.46 -20.23
N VAL C 42 -14.41 -2.30 -19.66
CA VAL C 42 -14.73 -2.16 -18.25
C VAL C 42 -16.12 -1.54 -18.13
N LEU C 43 -16.90 -1.96 -17.14
CA LEU C 43 -18.25 -1.40 -16.98
C LEU C 43 -18.20 -0.17 -16.07
N GLY C 44 -18.64 0.97 -16.62
CA GLY C 44 -18.81 2.18 -15.83
C GLY C 44 -20.15 2.15 -15.10
N THR C 45 -20.14 2.49 -13.81
CA THR C 45 -21.29 2.36 -12.89
C THR C 45 -21.69 3.70 -12.26
N MET C 46 -21.33 4.79 -12.93
CA MET C 46 -21.62 6.17 -12.53
C MET C 46 -23.13 6.43 -12.46
N GLU C 47 -23.89 5.78 -13.34
CA GLU C 47 -25.35 5.97 -13.43
C GLU C 47 -26.18 5.06 -12.54
N MET C 48 -25.51 4.11 -11.90
CA MET C 48 -26.18 3.18 -10.99
C MET C 48 -26.55 3.89 -9.70
N GLY C 49 -27.84 4.00 -9.44
CA GLY C 49 -28.34 4.75 -8.28
C GLY C 49 -28.76 6.16 -8.64
N ARG C 50 -28.58 6.53 -9.91
CA ARG C 50 -29.03 7.80 -10.43
C ARG C 50 -30.11 7.50 -11.47
N ARG C 51 -29.79 7.50 -12.74
CA ARG C 51 -30.80 7.14 -13.75
C ARG C 51 -31.17 5.65 -13.70
N MET C 52 -30.25 4.80 -13.24
CA MET C 52 -30.51 3.36 -13.18
C MET C 52 -30.73 2.91 -11.76
N ASP C 53 -31.92 2.35 -11.52
CA ASP C 53 -32.22 1.72 -10.24
C ASP C 53 -31.50 0.37 -10.12
N ALA C 54 -31.67 -0.27 -8.96
CA ALA C 54 -30.95 -1.50 -8.64
C ALA C 54 -31.26 -2.67 -9.61
N PRO C 55 -32.55 -2.92 -9.91
CA PRO C 55 -32.86 -3.91 -10.96
C PRO C 55 -32.17 -3.67 -12.33
N ALA C 56 -32.26 -2.44 -12.83
CA ALA C 56 -31.66 -2.06 -14.10
C ALA C 56 -30.14 -2.28 -14.05
N SER C 57 -29.57 -1.88 -12.91
CA SER C 57 -28.14 -2.01 -12.65
C SER C 57 -27.71 -3.47 -12.68
N ALA C 58 -28.46 -4.33 -12.00
CA ALA C 58 -28.14 -5.76 -11.96
C ALA C 58 -28.26 -6.40 -13.36
N ALA C 59 -29.26 -6.02 -14.14
CA ALA C 59 -29.36 -6.50 -15.52
C ALA C 59 -28.18 -6.03 -16.37
N ALA C 60 -27.75 -4.79 -16.12
CA ALA C 60 -26.58 -4.24 -16.79
C ALA C 60 -25.35 -5.09 -16.52
N VAL C 61 -25.06 -5.30 -15.25
CA VAL C 61 -23.93 -6.13 -14.86
C VAL C 61 -24.01 -7.50 -15.53
N ARG C 62 -25.21 -8.09 -15.54
CA ARG C 62 -25.44 -9.40 -16.13
C ARG C 62 -25.07 -9.43 -17.60
N ALA C 63 -25.62 -8.48 -18.36
CA ALA C 63 -25.33 -8.34 -19.80
C ALA C 63 -23.84 -8.23 -20.08
N PHE C 64 -23.16 -7.42 -19.25
CA PHE C 64 -21.73 -7.19 -19.35
C PHE C 64 -20.94 -8.47 -19.12
N LEU C 65 -21.25 -9.15 -18.01
CA LEU C 65 -20.60 -10.42 -17.68
C LEU C 65 -20.89 -11.55 -18.72
N GLU C 66 -22.14 -11.62 -19.16
CA GLU C 66 -22.52 -12.50 -20.24
C GLU C 66 -21.63 -12.40 -21.47
N ARG C 67 -21.05 -11.24 -21.75
CA ARG C 67 -20.18 -11.09 -22.92
C ARG C 67 -18.72 -11.45 -22.64
N GLY C 68 -18.44 -12.04 -21.48
CA GLY C 68 -17.08 -12.48 -21.16
C GLY C 68 -16.20 -11.46 -20.45
N HIS C 69 -16.74 -10.27 -20.16
CA HIS C 69 -15.97 -9.24 -19.48
C HIS C 69 -16.10 -9.43 -17.98
N THR C 70 -15.21 -8.76 -17.25
CA THR C 70 -14.91 -9.08 -15.85
C THR C 70 -14.79 -7.88 -14.87
N GLU C 71 -14.55 -6.69 -15.41
CA GLU C 71 -14.06 -5.60 -14.60
C GLU C 71 -15.12 -4.51 -14.48
N LEU C 72 -15.32 -4.04 -13.25
CA LEU C 72 -16.31 -2.99 -12.94
C LEU C 72 -15.66 -1.75 -12.32
N ASP C 73 -16.06 -0.56 -12.79
CA ASP C 73 -15.51 0.72 -12.30
C ASP C 73 -16.56 1.52 -11.53
N THR C 74 -16.33 1.69 -10.22
CA THR C 74 -17.18 2.55 -9.42
C THR C 74 -16.33 3.52 -8.65
N ALA C 75 -16.91 4.19 -7.66
CA ALA C 75 -16.21 5.22 -6.91
C ALA C 75 -17.00 5.54 -5.67
N PHE C 76 -16.29 6.04 -4.66
CA PHE C 76 -16.90 6.55 -3.43
C PHE C 76 -18.01 7.57 -3.72
N MET C 77 -17.79 8.43 -4.72
CA MET C 77 -18.71 9.53 -4.95
C MET C 77 -19.92 9.22 -5.81
N TYR C 78 -19.91 8.10 -6.54
CA TYR C 78 -21.00 7.85 -7.52
C TYR C 78 -22.32 7.64 -6.86
N SER C 79 -23.29 8.38 -7.37
CA SER C 79 -24.63 8.48 -6.83
C SER C 79 -24.66 8.52 -5.30
N ASP C 80 -23.80 9.35 -4.74
CA ASP C 80 -23.70 9.54 -3.31
C ASP C 80 -23.53 8.26 -2.52
N GLY C 81 -22.75 7.31 -3.06
CA GLY C 81 -22.50 6.04 -2.41
C GLY C 81 -23.44 4.92 -2.83
N GLN C 82 -24.43 5.26 -3.63
CA GLN C 82 -25.48 4.34 -4.00
C GLN C 82 -25.04 3.38 -5.11
N SER C 83 -24.08 3.79 -5.95
CA SER C 83 -23.49 2.89 -6.94
C SER C 83 -22.82 1.68 -6.24
N GLU C 84 -21.86 1.97 -5.37
CA GLU C 84 -21.17 0.93 -4.60
C GLU C 84 -22.15 0.04 -3.82
N THR C 85 -23.12 0.68 -3.16
CA THR C 85 -24.11 -0.03 -2.37
C THR C 85 -24.89 -1.03 -3.23
N ILE C 86 -25.29 -0.61 -4.42
CA ILE C 86 -26.01 -1.46 -5.36
C ILE C 86 -25.13 -2.65 -5.80
N LEU C 87 -23.90 -2.35 -6.19
CA LEU C 87 -22.96 -3.38 -6.60
C LEU C 87 -22.65 -4.37 -5.49
N GLY C 88 -22.58 -3.87 -4.25
CA GLY C 88 -22.28 -4.70 -3.09
C GLY C 88 -23.41 -5.62 -2.69
N GLY C 89 -24.63 -5.30 -3.14
CA GLY C 89 -25.81 -6.14 -2.87
C GLY C 89 -26.14 -7.14 -3.96
N LEU C 90 -25.30 -7.28 -5.00
CA LEU C 90 -25.57 -8.19 -6.12
C LEU C 90 -25.16 -9.65 -5.85
N GLY C 91 -24.63 -9.95 -4.66
CA GLY C 91 -24.13 -11.28 -4.35
C GLY C 91 -23.01 -11.77 -5.27
N LEU C 92 -22.13 -10.88 -5.73
CA LEU C 92 -21.02 -11.27 -6.58
C LEU C 92 -19.78 -11.79 -5.82
N GLY C 93 -19.80 -11.70 -4.50
CA GLY C 93 -18.66 -12.14 -3.69
C GLY C 93 -17.38 -11.36 -4.00
N LEU C 94 -17.49 -10.05 -4.16
CA LEU C 94 -16.35 -9.25 -4.55
C LEU C 94 -15.27 -9.38 -3.47
N GLY C 95 -14.01 -9.16 -3.87
CA GLY C 95 -12.87 -9.47 -3.01
C GLY C 95 -12.78 -10.98 -2.84
N CYS C 99 -13.18 -15.73 -6.64
CA CYS C 99 -14.05 -14.68 -7.20
C CYS C 99 -13.46 -14.07 -8.49
N ARG C 100 -14.29 -14.01 -9.54
CA ARG C 100 -13.80 -13.74 -10.90
C ARG C 100 -14.12 -12.33 -11.41
N VAL C 101 -15.16 -11.69 -10.87
CA VAL C 101 -15.47 -10.29 -11.15
C VAL C 101 -14.44 -9.44 -10.42
N LYS C 102 -13.89 -8.44 -11.12
CA LYS C 102 -12.96 -7.49 -10.51
C LYS C 102 -13.65 -6.15 -10.30
N ILE C 103 -13.35 -5.53 -9.17
CA ILE C 103 -13.95 -4.28 -8.79
C ILE C 103 -12.89 -3.20 -8.55
N ALA C 104 -13.11 -2.03 -9.13
CA ALA C 104 -12.30 -0.86 -8.83
C ALA C 104 -13.15 0.24 -8.16
N THR C 105 -12.57 0.92 -7.17
CA THR C 105 -13.16 2.16 -6.66
C THR C 105 -12.11 3.23 -6.51
N LYS C 106 -12.53 4.40 -6.03
CA LYS C 106 -11.71 5.61 -6.01
C LYS C 106 -12.05 6.44 -4.80
N ALA C 107 -11.02 7.01 -4.18
CA ALA C 107 -11.19 8.06 -3.16
C ALA C 107 -10.92 9.41 -3.82
N ASN C 108 -11.65 10.45 -3.40
CA ASN C 108 -11.54 11.80 -3.98
C ASN C 108 -11.33 12.88 -2.90
N PRO C 109 -10.78 14.05 -3.32
CA PRO C 109 -10.54 15.15 -2.39
C PRO C 109 -11.67 16.15 -2.25
N TRP C 110 -12.81 15.90 -2.89
CA TRP C 110 -13.83 16.92 -3.04
C TRP C 110 -14.64 17.11 -1.75
N ASP C 111 -15.36 18.24 -1.71
CA ASP C 111 -16.28 18.63 -0.62
C ASP C 111 -15.58 18.68 0.71
N GLY C 112 -14.33 19.13 0.72
CA GLY C 112 -13.59 19.25 1.95
C GLY C 112 -12.91 18.00 2.48
N LYS C 113 -13.24 16.81 1.95
CA LYS C 113 -12.49 15.58 2.32
C LYS C 113 -11.20 15.83 1.66
N SER C 114 -10.07 15.59 2.26
CA SER C 114 -8.88 15.80 1.42
C SER C 114 -8.48 14.46 0.77
N LEU C 115 -7.22 14.34 0.38
CA LEU C 115 -6.58 13.04 0.25
C LEU C 115 -5.48 12.88 1.31
N LYS C 116 -5.70 13.48 2.49
CA LYS C 116 -4.88 13.23 3.66
C LYS C 116 -5.15 11.79 4.07
N PRO C 117 -4.17 11.13 4.74
CA PRO C 117 -4.29 9.73 5.16
C PRO C 117 -5.63 9.33 5.79
N ASP C 118 -6.09 10.06 6.79
CA ASP C 118 -7.35 9.68 7.44
C ASP C 118 -8.51 9.61 6.42
N SER C 119 -8.56 10.58 5.50
CA SER C 119 -9.60 10.65 4.47
C SER C 119 -9.51 9.53 3.45
N VAL C 120 -8.28 9.18 3.03
CA VAL C 120 -8.08 8.04 2.11
C VAL C 120 -8.54 6.73 2.76
N ARG C 121 -8.11 6.49 4.00
CA ARG C 121 -8.57 5.29 4.75
C ARG C 121 -10.10 5.27 4.91
N SER C 122 -10.65 6.39 5.35
CA SER C 122 -12.06 6.49 5.65
C SER C 122 -12.91 6.20 4.42
N GLN C 123 -12.53 6.76 3.27
CA GLN C 123 -13.26 6.54 2.02
C GLN C 123 -13.14 5.09 1.59
N LEU C 124 -11.93 4.53 1.65
CA LEU C 124 -11.73 3.14 1.22
C LEU C 124 -12.48 2.16 2.11
N GLU C 125 -12.38 2.33 3.43
CA GLU C 125 -13.10 1.48 4.37
C GLU C 125 -14.62 1.60 4.20
N THR C 126 -15.15 2.79 3.89
CA THR C 126 -16.58 2.95 3.62
C THR C 126 -16.99 2.22 2.33
N SER C 127 -16.13 2.30 1.31
CA SER C 127 -16.36 1.63 0.03
C SER C 127 -16.38 0.13 0.21
N LEU C 128 -15.48 -0.37 1.04
CA LEU C 128 -15.40 -1.79 1.36
C LEU C 128 -16.67 -2.30 2.04
N LYS C 129 -17.23 -1.53 2.97
CA LYS C 129 -18.50 -1.89 3.61
C LYS C 129 -19.67 -1.86 2.61
N ARG C 130 -19.73 -0.85 1.75
CA ARG C 130 -20.80 -0.73 0.76
C ARG C 130 -20.77 -1.86 -0.28
N LEU C 131 -19.55 -2.17 -0.74
CA LEU C 131 -19.33 -3.28 -1.66
C LEU C 131 -19.41 -4.67 -1.00
N GLN C 132 -19.53 -4.68 0.33
CA GLN C 132 -19.56 -5.91 1.10
C GLN C 132 -18.41 -6.83 0.69
N CYS C 133 -17.19 -6.30 0.73
CA CYS C 133 -16.00 -7.08 0.41
C CYS C 133 -14.75 -6.66 1.22
N PRO C 134 -13.84 -7.62 1.46
CA PRO C 134 -12.63 -7.39 2.25
C PRO C 134 -11.51 -6.63 1.54
N GLN C 135 -11.49 -6.67 0.21
CA GLN C 135 -10.51 -5.91 -0.54
C GLN C 135 -10.97 -5.65 -1.98
N VAL C 136 -10.56 -4.52 -2.53
CA VAL C 136 -10.87 -4.22 -3.91
C VAL C 136 -9.67 -4.58 -4.77
N ASP C 137 -9.93 -4.85 -6.03
CA ASP C 137 -8.86 -5.27 -6.93
C ASP C 137 -8.03 -4.07 -7.38
N LEU C 138 -8.68 -2.89 -7.45
CA LEU C 138 -8.04 -1.66 -7.93
C LEU C 138 -8.57 -0.48 -7.13
N PHE C 139 -7.66 0.30 -6.55
CA PHE C 139 -8.02 1.47 -5.79
C PHE C 139 -7.41 2.69 -6.45
N TYR C 140 -8.24 3.68 -6.80
CA TYR C 140 -7.73 4.90 -7.44
C TYR C 140 -7.72 6.11 -6.50
N LEU C 141 -6.72 6.97 -6.70
CA LEU C 141 -6.82 8.39 -6.38
C LEU C 141 -7.55 9.06 -7.56
N HIS C 142 -8.76 9.55 -7.28
CA HIS C 142 -9.79 9.91 -8.28
C HIS C 142 -9.41 11.16 -9.03
N ALA C 143 -8.81 12.10 -8.31
CA ALA C 143 -8.29 13.33 -8.88
C ALA C 143 -7.24 13.85 -7.88
N PRO C 144 -6.33 14.70 -8.34
CA PRO C 144 -5.32 15.30 -7.44
C PRO C 144 -5.87 16.13 -6.27
N ASP C 145 -5.21 16.03 -5.12
CA ASP C 145 -5.43 16.96 -4.00
C ASP C 145 -4.22 17.89 -3.97
N HIS C 146 -4.41 19.08 -4.53
CA HIS C 146 -3.31 20.03 -4.63
C HIS C 146 -3.02 20.74 -3.33
N GLY C 147 -3.81 20.53 -2.29
CA GLY C 147 -3.50 21.07 -0.96
C GLY C 147 -2.74 20.15 -0.01
N THR C 148 -2.53 18.91 -0.43
CA THR C 148 -1.94 17.88 0.41
C THR C 148 -0.73 17.31 -0.34
N PRO C 149 0.46 17.30 0.30
CA PRO C 149 1.63 16.77 -0.41
C PRO C 149 1.42 15.31 -0.77
N VAL C 150 1.73 14.97 -2.02
CA VAL C 150 1.37 13.69 -2.57
C VAL C 150 2.09 12.54 -1.84
N GLU C 151 3.26 12.78 -1.27
CA GLU C 151 3.99 11.78 -0.45
C GLU C 151 3.17 11.32 0.75
N GLU C 152 2.44 12.24 1.37
CA GLU C 152 1.48 11.86 2.42
C GLU C 152 0.42 10.88 1.95
N THR C 153 -0.27 11.25 0.90
CA THR C 153 -1.30 10.42 0.29
C THR C 153 -0.73 9.03 -0.07
N LEU C 154 0.43 8.98 -0.71
CA LEU C 154 1.00 7.72 -1.15
C LEU C 154 1.44 6.83 -0.01
N HIS C 155 1.93 7.44 1.08
CA HIS C 155 2.26 6.66 2.28
C HIS C 155 1.02 6.00 2.91
N ALA C 156 -0.10 6.71 2.88
CA ALA C 156 -1.39 6.12 3.28
C ALA C 156 -1.77 4.95 2.40
N CYS C 157 -1.63 5.08 1.09
CA CYS C 157 -1.91 3.98 0.15
C CYS C 157 -1.03 2.78 0.39
N GLN C 158 0.25 3.02 0.61
CA GLN C 158 1.18 1.94 0.92
C GLN C 158 0.67 1.17 2.15
N ARG C 159 0.36 1.91 3.20
CA ARG C 159 -0.12 1.34 4.44
C ARG C 159 -1.36 0.50 4.23
N LEU C 160 -2.31 1.05 3.48
CA LEU C 160 -3.58 0.37 3.19
C LEU C 160 -3.40 -0.88 2.35
N HIS C 161 -2.44 -0.85 1.44
CA HIS C 161 -2.05 -2.02 0.66
C HIS C 161 -1.40 -3.13 1.51
N GLN C 162 -0.52 -2.74 2.43
CA GLN C 162 0.10 -3.66 3.36
C GLN C 162 -0.95 -4.38 4.19
N GLU C 163 -2.06 -3.69 4.49
CA GLU C 163 -3.16 -4.25 5.25
C GLU C 163 -4.07 -5.15 4.43
N GLY C 164 -3.86 -5.19 3.12
CA GLY C 164 -4.64 -6.01 2.23
C GLY C 164 -6.02 -5.45 1.89
N LYS C 165 -6.17 -4.12 1.95
CA LYS C 165 -7.47 -3.47 1.59
C LYS C 165 -7.67 -3.32 0.06
N PHE C 166 -6.58 -3.32 -0.70
CA PHE C 166 -6.62 -3.25 -2.15
C PHE C 166 -5.37 -3.94 -2.78
N VAL C 167 -5.53 -4.45 -4.01
CA VAL C 167 -4.47 -5.17 -4.70
C VAL C 167 -3.62 -4.22 -5.53
N GLU C 168 -4.23 -3.48 -6.46
CA GLU C 168 -3.51 -2.53 -7.30
C GLU C 168 -3.91 -1.07 -7.07
N LEU C 169 -2.94 -0.18 -7.20
CA LEU C 169 -3.15 1.25 -7.08
C LEU C 169 -3.28 1.90 -8.46
N GLY C 170 -4.24 2.81 -8.58
CA GLY C 170 -4.43 3.62 -9.78
C GLY C 170 -4.43 5.13 -9.54
N LEU C 171 -4.23 5.87 -10.64
CA LEU C 171 -4.36 7.29 -10.70
C LEU C 171 -5.38 7.71 -11.78
N SER C 172 -6.08 8.81 -11.51
CA SER C 172 -6.98 9.40 -12.49
C SER C 172 -6.85 10.91 -12.39
N ASN C 173 -6.81 11.55 -13.56
CA ASN C 173 -6.84 12.98 -13.71
C ASN C 173 -5.61 13.74 -13.17
N TYR C 174 -4.49 13.02 -13.01
CA TYR C 174 -3.16 13.60 -12.72
C TYR C 174 -2.45 13.93 -14.03
N ALA C 175 -1.69 15.02 -14.04
CA ALA C 175 -0.90 15.35 -15.21
C ALA C 175 0.24 14.36 -15.35
N SER C 176 0.76 14.19 -16.57
CA SER C 176 1.86 13.25 -16.81
C SER C 176 3.01 13.48 -15.84
N TRP C 177 3.32 14.75 -15.57
CA TRP C 177 4.47 15.08 -14.74
C TRP C 177 4.22 14.78 -13.26
N GLU C 178 2.95 14.77 -12.87
CA GLU C 178 2.56 14.39 -11.53
C GLU C 178 2.66 12.87 -11.37
N VAL C 179 2.26 12.14 -12.40
CA VAL C 179 2.42 10.67 -12.41
C VAL C 179 3.89 10.30 -12.26
N ALA C 180 4.75 10.96 -13.04
CA ALA C 180 6.14 10.69 -13.00
C ALA C 180 6.69 10.94 -11.59
N GLU C 181 6.29 12.05 -10.97
CA GLU C 181 6.76 12.36 -9.62
C GLU C 181 6.36 11.26 -8.63
N ILE C 182 5.08 10.90 -8.69
CA ILE C 182 4.52 9.82 -7.89
C ILE C 182 5.30 8.50 -8.05
N CYS C 183 5.54 8.11 -9.30
CA CYS C 183 6.18 6.83 -9.56
C CYS C 183 7.61 6.84 -9.03
N THR C 184 8.29 7.95 -9.24
CA THR C 184 9.67 8.15 -8.75
C THR C 184 9.74 8.12 -7.22
N LEU C 185 8.79 8.77 -6.54
CA LEU C 185 8.72 8.75 -5.08
C LEU C 185 8.49 7.35 -4.52
N CYS C 186 7.58 6.60 -5.15
CA CYS C 186 7.30 5.24 -4.72
C CYS C 186 8.48 4.30 -4.89
N LYS C 187 9.16 4.35 -6.04
CA LYS C 187 10.36 3.55 -6.25
C LYS C 187 11.40 3.84 -5.18
N SER C 188 11.65 5.12 -4.90
CA SER C 188 12.71 5.47 -3.97
C SER C 188 12.35 5.08 -2.52
N ASN C 189 11.07 5.16 -2.17
CA ASN C 189 10.63 4.79 -0.82
C ASN C 189 10.34 3.29 -0.70
N GLY C 190 10.40 2.56 -1.82
CA GLY C 190 10.01 1.16 -1.85
C GLY C 190 8.53 0.93 -1.62
N TRP C 191 7.67 1.88 -2.02
CA TRP C 191 6.22 1.68 -1.94
C TRP C 191 5.64 1.08 -3.23
N ILE C 192 4.41 0.58 -3.13
CA ILE C 192 3.65 0.15 -4.29
C ILE C 192 3.50 1.29 -5.33
N LEU C 193 3.82 0.96 -6.58
CA LEU C 193 3.62 1.87 -7.69
C LEU C 193 2.21 1.77 -8.23
N PRO C 194 1.65 2.90 -8.70
CA PRO C 194 0.43 2.75 -9.48
C PRO C 194 0.67 1.94 -10.75
N THR C 195 -0.34 1.17 -11.15
CA THR C 195 -0.24 0.31 -12.33
C THR C 195 -1.36 0.56 -13.38
N VAL C 196 -2.28 1.46 -13.05
CA VAL C 196 -3.42 1.81 -13.92
C VAL C 196 -3.63 3.32 -13.87
N TYR C 197 -3.81 3.92 -15.05
CA TYR C 197 -4.23 5.33 -15.16
C TYR C 197 -5.58 5.36 -15.86
N GLN C 198 -6.57 5.98 -15.23
CA GLN C 198 -7.90 6.11 -15.82
C GLN C 198 -8.03 7.56 -16.30
N GLY C 199 -8.14 7.74 -17.61
CA GLY C 199 -8.13 9.08 -18.20
C GLY C 199 -9.17 9.35 -19.26
N MET C 200 -9.43 10.62 -19.51
CA MET C 200 -10.32 11.09 -20.58
C MET C 200 -9.74 10.84 -21.98
N TYR C 201 -10.47 10.09 -22.80
CA TYR C 201 -9.99 9.73 -24.15
C TYR C 201 -11.12 9.28 -25.05
N ASN C 202 -11.20 9.91 -26.22
CA ASN C 202 -12.14 9.51 -27.26
C ASN C 202 -11.63 9.97 -28.61
N ALA C 203 -12.40 9.69 -29.65
CA ALA C 203 -11.95 9.97 -31.05
C ALA C 203 -11.71 11.43 -31.33
N THR C 204 -12.35 12.31 -30.53
CA THR C 204 -12.20 13.77 -30.63
C THR C 204 -11.56 14.43 -29.41
N THR C 205 -10.95 13.64 -28.52
CA THR C 205 -10.35 14.14 -27.28
C THR C 205 -9.08 13.36 -27.04
N ARG C 206 -7.97 13.84 -27.54
CA ARG C 206 -6.76 13.05 -27.64
C ARG C 206 -5.52 13.67 -27.01
N GLN C 207 -5.71 14.62 -26.11
CA GLN C 207 -4.62 15.30 -25.45
C GLN C 207 -3.68 14.31 -24.76
N VAL C 208 -4.23 13.24 -24.19
CA VAL C 208 -3.41 12.23 -23.46
C VAL C 208 -2.33 11.56 -24.28
N GLU C 209 -2.48 11.58 -25.60
CA GLU C 209 -1.50 10.90 -26.46
C GLU C 209 -0.11 11.55 -26.47
N THR C 210 -0.03 12.88 -26.26
CA THR C 210 1.22 13.61 -26.47
C THR C 210 2.24 13.32 -25.40
N GLU C 211 1.85 13.47 -24.15
CA GLU C 211 2.79 13.34 -23.03
C GLU C 211 2.43 12.24 -22.02
N LEU C 212 1.13 12.04 -21.78
CA LEU C 212 0.72 11.05 -20.81
C LEU C 212 1.05 9.64 -21.27
N PHE C 213 0.66 9.29 -22.49
CA PHE C 213 0.90 7.92 -22.96
C PHE C 213 2.38 7.52 -22.93
N PRO C 214 3.27 8.38 -23.45
CA PRO C 214 4.71 8.08 -23.29
C PRO C 214 5.18 7.89 -21.82
N CYS C 215 4.65 8.70 -20.93
CA CYS C 215 4.93 8.57 -19.49
C CYS C 215 4.46 7.22 -18.90
N LEU C 216 3.25 6.81 -19.23
CA LEU C 216 2.68 5.58 -18.72
C LEU C 216 3.48 4.38 -19.21
N ARG C 217 3.92 4.43 -20.47
CA ARG C 217 4.66 3.33 -21.06
C ARG C 217 5.95 3.16 -20.30
N HIS C 218 6.59 4.28 -20.00
CA HIS C 218 7.87 4.26 -19.31
C HIS C 218 7.77 3.68 -17.90
N PHE C 219 6.71 4.00 -17.19
CA PHE C 219 6.55 3.57 -15.81
C PHE C 219 5.71 2.31 -15.65
N GLY C 220 5.18 1.79 -16.75
CA GLY C 220 4.46 0.53 -16.74
C GLY C 220 3.01 0.58 -16.29
N LEU C 221 2.30 1.66 -16.62
CA LEU C 221 0.90 1.78 -16.25
C LEU C 221 0.06 1.48 -17.48
N ARG C 222 -0.96 0.66 -17.32
CA ARG C 222 -1.95 0.52 -18.40
C ARG C 222 -2.99 1.67 -18.30
N PHE C 223 -3.70 1.94 -19.40
CA PHE C 223 -4.63 3.05 -19.46
C PHE C 223 -6.06 2.58 -19.68
N TYR C 224 -6.97 3.06 -18.83
CA TYR C 224 -8.41 2.83 -19.00
C TYR C 224 -9.07 4.16 -19.39
N ALA C 225 -9.75 4.16 -20.53
CA ALA C 225 -10.33 5.39 -21.10
C ALA C 225 -11.75 5.59 -20.61
N TYR C 226 -12.04 6.75 -20.02
CA TYR C 226 -13.41 7.19 -19.73
C TYR C 226 -13.84 8.29 -20.71
N ASN C 227 -15.10 8.68 -20.63
CA ASN C 227 -15.77 9.49 -21.63
C ASN C 227 -15.51 9.01 -23.05
N PRO C 228 -15.65 7.70 -23.33
CA PRO C 228 -15.38 7.24 -24.69
C PRO C 228 -16.34 7.75 -25.77
N LEU C 229 -17.54 8.21 -25.38
CA LEU C 229 -18.47 8.82 -26.35
C LEU C 229 -18.61 10.29 -26.08
N ALA C 230 -17.60 10.87 -25.45
CA ALA C 230 -17.66 12.26 -25.04
C ALA C 230 -18.98 12.58 -24.30
N GLY C 231 -19.27 11.76 -23.29
CA GLY C 231 -20.49 11.91 -22.46
C GLY C 231 -21.78 11.67 -23.21
N GLY C 232 -21.68 11.13 -24.42
CA GLY C 232 -22.84 10.97 -25.30
C GLY C 232 -22.90 11.88 -26.53
N LEU C 233 -22.00 12.86 -26.62
CA LEU C 233 -21.97 13.74 -27.79
C LEU C 233 -21.65 12.95 -29.06
N LEU C 234 -20.76 11.97 -28.95
CA LEU C 234 -20.37 11.14 -30.09
C LEU C 234 -21.41 10.07 -30.52
N THR C 235 -22.63 10.13 -29.96
CA THR C 235 -23.75 9.36 -30.51
C THR C 235 -24.47 10.09 -31.64
N GLY C 236 -24.16 11.38 -31.79
CA GLY C 236 -24.78 12.21 -32.80
C GLY C 236 -26.23 12.59 -32.49
N LYS C 237 -26.68 12.35 -31.25
CA LYS C 237 -28.08 12.58 -30.90
C LYS C 237 -28.41 14.05 -30.61
N TYR C 238 -27.39 14.91 -30.54
CA TYR C 238 -27.60 16.32 -30.24
C TYR C 238 -27.30 17.21 -31.44
N LYS C 239 -27.85 18.43 -31.40
CA LYS C 239 -27.46 19.53 -32.27
C LYS C 239 -26.93 20.64 -31.35
N TYR C 240 -25.98 21.43 -31.84
CA TYR C 240 -25.42 22.52 -31.06
C TYR C 240 -26.47 23.46 -30.44
N GLU C 241 -27.48 23.78 -31.23
CA GLU C 241 -28.57 24.72 -30.82
C GLU C 241 -29.50 24.20 -29.71
N ASP C 242 -29.41 22.91 -29.39
CA ASP C 242 -30.16 22.30 -28.30
C ASP C 242 -29.94 23.00 -26.97
N LYS C 243 -28.80 23.66 -26.82
CA LYS C 243 -28.48 24.36 -25.58
C LYS C 243 -29.36 25.57 -25.31
N ASP C 244 -29.95 26.12 -26.36
CA ASP C 244 -30.77 27.33 -26.23
C ASP C 244 -32.25 26.98 -25.98
N GLY C 245 -32.83 26.19 -26.87
CA GLY C 245 -34.21 25.73 -26.69
C GLY C 245 -34.38 24.42 -25.93
N LYS C 246 -34.17 23.30 -26.62
CA LYS C 246 -34.62 22.00 -26.14
C LYS C 246 -34.01 21.60 -24.80
N GLN C 247 -32.70 21.74 -24.67
CA GLN C 247 -32.00 21.36 -23.44
C GLN C 247 -32.42 19.99 -22.90
N PRO C 248 -32.26 18.94 -23.72
CA PRO C 248 -32.72 17.60 -23.35
C PRO C 248 -32.05 17.06 -22.08
N VAL C 249 -32.87 16.64 -21.12
CA VAL C 249 -32.39 16.10 -19.84
C VAL C 249 -31.49 14.90 -20.08
N GLY C 250 -30.33 14.89 -19.42
CA GLY C 250 -29.30 13.88 -19.64
C GLY C 250 -27.96 14.39 -19.16
N ARG C 251 -26.88 13.84 -19.72
CA ARG C 251 -25.55 14.21 -19.28
C ARG C 251 -25.30 15.72 -19.36
N PHE C 252 -25.88 16.40 -20.37
CA PHE C 252 -25.56 17.80 -20.69
C PHE C 252 -26.54 18.85 -20.17
N PHE C 253 -27.69 18.40 -19.67
CA PHE C 253 -28.72 19.32 -19.14
C PHE C 253 -29.47 18.72 -17.95
N GLY C 254 -29.81 19.58 -17.00
CA GLY C 254 -30.77 19.24 -15.96
C GLY C 254 -30.19 18.60 -14.72
N ASN C 255 -28.88 18.69 -14.54
CA ASN C 255 -28.25 18.14 -13.35
C ASN C 255 -27.02 18.93 -12.94
N SER C 256 -26.49 18.56 -11.78
CA SER C 256 -25.45 19.30 -11.11
C SER C 256 -24.09 19.30 -11.86
N TRP C 257 -23.87 18.28 -12.71
CA TRP C 257 -22.63 18.18 -13.53
C TRP C 257 -22.81 18.56 -15.01
N ALA C 258 -24.04 18.92 -15.40
CA ALA C 258 -24.34 19.29 -16.78
C ALA C 258 -23.42 20.40 -17.31
N GLU C 259 -23.26 21.44 -16.52
CA GLU C 259 -22.46 22.57 -16.93
C GLU C 259 -20.98 22.20 -17.14
N THR C 260 -20.46 21.36 -16.24
CA THR C 260 -19.12 20.81 -16.40
C THR C 260 -18.98 20.08 -17.75
N TYR C 261 -20.00 19.29 -18.09
CA TYR C 261 -19.98 18.51 -19.32
C TYR C 261 -20.09 19.40 -20.55
N ARG C 262 -20.93 20.42 -20.44
CA ARG C 262 -21.05 21.41 -21.52
C ARG C 262 -19.71 22.14 -21.79
N ASN C 263 -19.06 22.60 -20.73
CA ASN C 263 -17.79 23.27 -20.84
C ASN C 263 -16.70 22.33 -21.36
N ARG C 264 -16.85 21.05 -21.10
CA ARG C 264 -15.91 20.04 -21.54
C ARG C 264 -16.01 19.75 -23.04
N PHE C 265 -17.24 19.55 -23.54
CA PHE C 265 -17.49 19.01 -24.90
C PHE C 265 -18.44 19.79 -25.80
N TRP C 266 -19.36 20.55 -25.21
CA TRP C 266 -20.43 21.18 -25.98
C TRP C 266 -19.94 22.46 -26.66
N LYS C 267 -19.21 22.27 -27.77
CA LYS C 267 -18.58 23.34 -28.52
C LYS C 267 -18.94 23.19 -29.99
N GLU C 268 -19.18 24.32 -30.67
CA GLU C 268 -19.65 24.30 -32.05
C GLU C 268 -18.73 23.52 -32.98
N HIS C 269 -17.42 23.65 -32.77
CA HIS C 269 -16.46 22.96 -33.62
C HIS C 269 -16.55 21.47 -33.42
N HIS C 270 -16.94 21.05 -32.21
CA HIS C 270 -17.13 19.64 -31.90
C HIS C 270 -18.33 19.08 -32.69
N PHE C 271 -19.39 19.88 -32.82
CA PHE C 271 -20.53 19.51 -33.68
C PHE C 271 -20.19 19.45 -35.19
N GLU C 272 -19.38 20.39 -35.65
CA GLU C 272 -18.84 20.33 -36.99
C GLU C 272 -18.03 19.06 -37.24
N ALA C 273 -17.26 18.66 -36.24
CA ALA C 273 -16.41 17.48 -36.27
C ALA C 273 -17.23 16.20 -36.42
N ILE C 274 -18.30 16.11 -35.63
CA ILE C 274 -19.24 14.99 -35.69
C ILE C 274 -19.94 14.91 -37.07
N ALA C 275 -20.37 16.03 -37.61
CA ALA C 275 -21.00 16.08 -38.94
C ALA C 275 -20.04 15.63 -40.05
N LEU C 276 -18.77 15.95 -39.89
CA LEU C 276 -17.75 15.49 -40.81
C LEU C 276 -17.69 13.95 -40.81
N VAL C 277 -17.69 13.36 -39.61
CA VAL C 277 -17.58 11.91 -39.46
C VAL C 277 -18.87 11.23 -40.02
N GLU C 278 -20.02 11.79 -39.69
CA GLU C 278 -21.27 11.30 -40.23
C GLU C 278 -21.29 11.33 -41.76
N LYS C 279 -20.79 12.40 -42.37
CA LYS C 279 -20.66 12.44 -43.84
C LYS C 279 -19.74 11.37 -44.43
N ALA C 280 -18.62 11.10 -43.74
CA ALA C 280 -17.67 10.08 -44.15
C ALA C 280 -18.22 8.65 -44.03
N LEU C 281 -19.04 8.42 -43.00
CA LEU C 281 -19.72 7.14 -42.81
C LEU C 281 -20.67 6.87 -43.96
N GLN C 282 -21.45 7.90 -44.31
CA GLN C 282 -22.36 7.85 -45.47
C GLN C 282 -21.60 7.57 -46.76
N ALA C 283 -20.53 8.33 -47.01
CA ALA C 283 -19.73 8.16 -48.21
C ALA C 283 -19.03 6.80 -48.28
N ALA C 284 -18.39 6.38 -47.19
CA ALA C 284 -17.61 5.13 -47.20
C ALA C 284 -18.49 3.86 -47.27
N TYR C 285 -19.66 3.86 -46.63
CA TYR C 285 -20.49 2.65 -46.52
C TYR C 285 -21.82 2.73 -47.25
N GLY C 286 -22.25 3.93 -47.60
CA GLY C 286 -23.58 4.12 -48.17
C GLY C 286 -24.67 3.56 -47.27
N ALA C 287 -25.57 2.79 -47.88
CA ALA C 287 -26.71 2.16 -47.18
C ALA C 287 -26.33 1.27 -45.99
N SER C 288 -25.12 0.74 -45.99
CA SER C 288 -24.61 -0.14 -44.94
C SER C 288 -23.86 0.59 -43.82
N ALA C 289 -23.94 1.92 -43.78
CA ALA C 289 -23.23 2.70 -42.78
C ALA C 289 -23.60 2.37 -41.34
N PRO C 290 -22.60 2.23 -40.45
CA PRO C 290 -22.96 2.06 -39.05
C PRO C 290 -23.38 3.39 -38.43
N SER C 291 -23.90 3.33 -37.21
CA SER C 291 -24.19 4.50 -36.43
C SER C 291 -22.86 5.15 -36.06
N VAL C 292 -22.94 6.44 -35.75
CA VAL C 292 -21.79 7.19 -35.32
C VAL C 292 -21.32 6.72 -33.93
N THR C 293 -22.26 6.34 -33.07
CA THR C 293 -21.95 5.67 -31.82
C THR C 293 -21.03 4.47 -32.03
N SER C 294 -21.46 3.59 -32.92
CA SER C 294 -20.75 2.35 -33.23
C SER C 294 -19.35 2.67 -33.74
N ALA C 295 -19.28 3.61 -34.68
CA ALA C 295 -18.02 4.08 -35.23
C ALA C 295 -17.10 4.65 -34.17
N ALA C 296 -17.61 5.54 -33.30
CA ALA C 296 -16.79 6.14 -32.25
C ALA C 296 -16.18 5.12 -31.28
N LEU C 297 -16.95 4.08 -30.96
CA LEU C 297 -16.45 3.02 -30.09
C LEU C 297 -15.45 2.14 -30.80
N ARG C 298 -15.69 1.86 -32.08
CA ARG C 298 -14.75 1.05 -32.85
C ARG C 298 -13.41 1.76 -33.09
N TRP C 299 -13.46 3.09 -33.22
CA TRP C 299 -12.24 3.91 -33.19
C TRP C 299 -11.37 3.58 -31.95
N MET C 300 -12.00 3.56 -30.77
CA MET C 300 -11.33 3.24 -29.52
C MET C 300 -10.68 1.86 -29.53
N TYR C 301 -11.44 0.85 -29.93
CA TYR C 301 -10.93 -0.52 -29.86
C TYR C 301 -9.96 -0.87 -30.96
N HIS C 302 -10.02 -0.17 -32.09
CA HIS C 302 -9.27 -0.59 -33.29
C HIS C 302 -8.29 0.43 -33.85
N HIS C 303 -8.47 1.71 -33.53
CA HIS C 303 -7.71 2.78 -34.18
C HIS C 303 -7.10 3.80 -33.24
N SER C 304 -7.18 3.59 -31.91
CA SER C 304 -6.64 4.52 -30.95
C SER C 304 -5.23 4.10 -30.59
N GLN C 305 -4.64 4.76 -29.60
CA GLN C 305 -3.39 4.35 -29.01
C GLN C 305 -3.55 3.21 -27.98
N LEU C 306 -4.77 2.87 -27.61
CA LEU C 306 -5.00 1.77 -26.68
C LEU C 306 -4.52 0.46 -27.31
N GLN C 307 -3.79 -0.32 -26.51
CA GLN C 307 -3.25 -1.59 -26.96
C GLN C 307 -3.62 -2.68 -25.98
N GLY C 308 -4.18 -3.76 -26.49
CA GLY C 308 -4.50 -4.92 -25.68
C GLY C 308 -3.25 -5.53 -25.10
N ALA C 309 -2.15 -5.47 -25.86
CA ALA C 309 -0.84 -5.97 -25.41
C ALA C 309 -0.32 -5.26 -24.15
N HIS C 310 -0.79 -4.03 -23.90
CA HIS C 310 -0.51 -3.32 -22.65
C HIS C 310 -1.60 -3.47 -21.58
N GLY C 311 -2.65 -4.24 -21.85
CA GLY C 311 -3.77 -4.39 -20.89
C GLY C 311 -4.71 -3.18 -20.84
N ASP C 312 -4.65 -2.32 -21.87
CA ASP C 312 -5.48 -1.12 -21.95
C ASP C 312 -6.94 -1.47 -22.10
N ALA C 313 -7.81 -0.56 -21.68
CA ALA C 313 -9.25 -0.83 -21.68
C ALA C 313 -10.06 0.44 -21.97
N VAL C 314 -11.29 0.23 -22.44
CA VAL C 314 -12.29 1.25 -22.56
C VAL C 314 -13.31 1.03 -21.44
N ILE C 315 -13.65 2.09 -20.73
CA ILE C 315 -14.71 2.03 -19.74
C ILE C 315 -16.00 2.51 -20.40
N LEU C 316 -16.90 1.55 -20.65
CA LEU C 316 -18.15 1.85 -21.28
C LEU C 316 -19.08 2.60 -20.32
N GLY C 317 -19.81 3.57 -20.88
CA GLY C 317 -20.84 4.28 -20.17
C GLY C 317 -22.23 4.00 -20.72
N MET C 318 -23.23 4.21 -19.89
CA MET C 318 -24.62 4.04 -20.25
C MET C 318 -25.50 4.64 -19.13
N SER C 319 -26.71 5.07 -19.49
CA SER C 319 -27.72 5.45 -18.52
C SER C 319 -28.93 4.53 -18.62
N SER C 320 -28.86 3.55 -19.53
CA SER C 320 -29.85 2.48 -19.64
C SER C 320 -29.24 1.19 -20.14
N LEU C 321 -29.98 0.11 -19.97
CA LEU C 321 -29.59 -1.22 -20.44
C LEU C 321 -29.57 -1.30 -21.97
N GLU C 322 -30.47 -0.59 -22.65
CA GLU C 322 -30.51 -0.58 -24.13
C GLU C 322 -29.27 0.09 -24.70
N GLN C 323 -28.88 1.19 -24.07
CA GLN C 323 -27.66 1.89 -24.38
C GLN C 323 -26.46 0.95 -24.22
N LEU C 324 -26.40 0.24 -23.10
CA LEU C 324 -25.28 -0.69 -22.86
C LEU C 324 -25.23 -1.80 -23.91
N GLU C 325 -26.38 -2.35 -24.24
CA GLU C 325 -26.46 -3.50 -25.14
C GLU C 325 -26.05 -3.06 -26.55
N GLN C 326 -26.48 -1.87 -26.95
CA GLN C 326 -26.01 -1.28 -28.20
C GLN C 326 -24.48 -1.12 -28.18
N ASN C 327 -23.96 -0.59 -27.06
CA ASN C 327 -22.51 -0.32 -26.94
C ASN C 327 -21.68 -1.60 -26.94
N LEU C 328 -22.15 -2.63 -26.22
CA LEU C 328 -21.50 -3.97 -26.23
C LEU C 328 -21.42 -4.57 -27.62
N ALA C 329 -22.49 -4.42 -28.39
CA ALA C 329 -22.52 -4.86 -29.80
C ALA C 329 -21.41 -4.19 -30.62
N ALA C 330 -21.22 -2.89 -30.44
CA ALA C 330 -20.17 -2.14 -31.15
C ALA C 330 -18.75 -2.61 -30.81
N THR C 331 -18.55 -3.01 -29.55
CA THR C 331 -17.23 -3.46 -29.11
C THR C 331 -16.82 -4.74 -29.84
N GLU C 332 -17.79 -5.49 -30.32
CA GLU C 332 -17.52 -6.71 -31.06
C GLU C 332 -17.53 -6.49 -32.58
N GLU C 333 -17.78 -5.26 -33.04
CA GLU C 333 -17.64 -4.95 -34.46
C GLU C 333 -16.17 -4.73 -34.83
N GLY C 334 -15.86 -4.81 -36.11
CA GLY C 334 -14.47 -4.77 -36.55
C GLY C 334 -13.93 -3.38 -36.87
N PRO C 335 -12.74 -3.31 -37.45
CA PRO C 335 -12.22 -2.02 -37.81
C PRO C 335 -13.09 -1.24 -38.83
N LEU C 336 -12.77 0.04 -38.96
CA LEU C 336 -13.45 0.92 -39.88
C LEU C 336 -12.63 1.10 -41.17
N GLU C 337 -13.32 1.52 -42.22
CA GLU C 337 -12.71 1.87 -43.47
C GLU C 337 -11.76 3.02 -43.20
N PRO C 338 -10.55 2.98 -43.85
CA PRO C 338 -9.50 3.98 -43.68
C PRO C 338 -9.98 5.43 -43.78
N ALA C 339 -10.89 5.70 -44.71
CA ALA C 339 -11.39 7.06 -44.92
C ALA C 339 -12.17 7.57 -43.72
N VAL C 340 -12.81 6.66 -42.98
CA VAL C 340 -13.53 7.04 -41.77
C VAL C 340 -12.54 7.32 -40.65
N VAL C 341 -11.46 6.55 -40.59
CA VAL C 341 -10.40 6.78 -39.63
C VAL C 341 -9.76 8.15 -39.88
N ASP C 342 -9.48 8.45 -41.15
CA ASP C 342 -8.96 9.77 -41.54
C ASP C 342 -9.94 10.91 -41.21
N ALA C 343 -11.22 10.65 -41.38
CA ALA C 343 -12.24 11.63 -41.01
C ALA C 343 -12.24 11.88 -39.50
N PHE C 344 -12.06 10.83 -38.69
CA PHE C 344 -12.00 11.02 -37.25
C PHE C 344 -10.79 11.86 -36.92
N ASN C 345 -9.70 11.69 -37.66
CA ASN C 345 -8.51 12.47 -37.47
C ASN C 345 -8.72 13.96 -37.83
N GLN C 346 -9.36 14.19 -38.97
CA GLN C 346 -9.68 15.55 -39.36
C GLN C 346 -10.60 16.17 -38.32
N ALA C 347 -11.50 15.36 -37.75
CA ALA C 347 -12.42 15.82 -36.71
C ALA C 347 -11.68 16.29 -35.45
N TRP C 348 -10.74 15.47 -34.99
CA TRP C 348 -9.86 15.80 -33.87
C TRP C 348 -9.10 17.11 -34.12
N HIS C 349 -8.55 17.26 -35.34
CA HIS C 349 -7.85 18.51 -35.67
C HIS C 349 -8.73 19.74 -35.57
N LEU C 350 -10.01 19.58 -35.89
CA LEU C 350 -10.98 20.65 -35.79
C LEU C 350 -11.15 21.16 -34.35
N VAL C 351 -11.04 20.26 -33.37
CA VAL C 351 -11.28 20.62 -31.94
C VAL C 351 -10.02 20.65 -31.06
N ALA C 352 -8.88 20.21 -31.60
CA ALA C 352 -7.66 20.05 -30.83
C ALA C 352 -7.26 21.34 -30.10
N HIS C 353 -7.47 22.50 -30.73
CA HIS C 353 -7.19 23.80 -30.09
C HIS C 353 -8.01 24.09 -28.82
N GLU C 354 -9.12 23.39 -28.61
CA GLU C 354 -9.96 23.64 -27.46
C GLU C 354 -10.27 22.37 -26.72
N CYS C 355 -9.37 21.39 -26.85
CA CYS C 355 -9.47 20.13 -26.10
C CYS C 355 -9.46 20.37 -24.61
N PRO C 356 -10.41 19.76 -23.86
CA PRO C 356 -10.33 19.88 -22.40
C PRO C 356 -9.10 19.17 -21.86
N ASN C 357 -8.56 19.69 -20.77
CA ASN C 357 -7.45 19.06 -20.07
C ASN C 357 -7.82 17.72 -19.49
N TYR C 358 -6.94 16.75 -19.67
CA TYR C 358 -7.14 15.44 -19.07
C TYR C 358 -6.82 15.45 -17.58
N PHE C 359 -6.17 16.51 -17.12
CA PHE C 359 -5.72 16.61 -15.73
C PHE C 359 -6.46 17.75 -15.05
N ARG C 360 -6.54 17.63 -13.73
CA ARG C 360 -7.28 18.52 -12.82
C ARG C 360 -6.41 18.92 -11.65
N ARG D 38 11.77 43.56 -18.20
CA ARG D 38 11.67 42.53 -17.12
C ARG D 38 11.91 41.09 -17.59
N VAL D 39 11.18 40.61 -18.59
CA VAL D 39 11.58 39.39 -19.28
C VAL D 39 12.94 39.64 -19.94
N ALA D 40 13.90 38.76 -19.67
CA ALA D 40 15.28 38.96 -20.07
C ALA D 40 15.55 38.51 -21.50
N SER D 41 16.71 38.92 -22.02
CA SER D 41 17.17 38.53 -23.35
C SER D 41 18.52 37.82 -23.28
N VAL D 42 18.61 36.71 -24.02
CA VAL D 42 19.84 35.93 -24.09
C VAL D 42 20.25 35.91 -25.54
N LEU D 43 21.57 35.92 -25.80
CA LEU D 43 22.03 35.87 -27.19
C LEU D 43 22.26 34.42 -27.65
N GLY D 44 21.57 34.03 -28.73
CA GLY D 44 21.79 32.75 -29.39
C GLY D 44 22.99 32.81 -30.31
N THR D 45 23.84 31.79 -30.26
CA THR D 45 25.12 31.80 -30.96
C THR D 45 25.24 30.64 -31.95
N MET D 46 24.11 30.11 -32.35
CA MET D 46 24.04 28.95 -33.25
C MET D 46 24.64 29.23 -34.64
N GLU D 47 24.52 30.48 -35.09
CA GLU D 47 25.03 30.89 -36.41
C GLU D 47 26.47 31.39 -36.40
N MET D 48 27.06 31.45 -35.21
CA MET D 48 28.45 31.85 -35.10
C MET D 48 29.35 30.72 -35.58
N GLY D 49 30.07 30.98 -36.66
CA GLY D 49 30.93 29.97 -37.28
C GLY D 49 30.24 29.26 -38.42
N ARG D 50 29.03 29.70 -38.72
CA ARG D 50 28.29 29.18 -39.86
C ARG D 50 28.04 30.38 -40.79
N ARG D 51 26.87 31.02 -40.77
CA ARG D 51 26.69 32.22 -41.59
C ARG D 51 27.48 33.42 -41.06
N MET D 52 27.77 33.45 -39.76
CA MET D 52 28.54 34.56 -39.20
C MET D 52 29.96 34.13 -38.88
N ASP D 53 30.91 34.84 -39.51
CA ASP D 53 32.33 34.69 -39.21
C ASP D 53 32.67 35.38 -37.89
N ALA D 54 33.92 35.26 -37.47
CA ALA D 54 34.36 35.74 -36.15
C ALA D 54 34.15 37.23 -35.94
N PRO D 55 34.51 38.07 -36.93
CA PRO D 55 34.27 39.52 -36.80
C PRO D 55 32.78 39.86 -36.60
N ALA D 56 31.93 39.30 -37.44
CA ALA D 56 30.49 39.57 -37.34
C ALA D 56 29.99 39.11 -36.00
N SER D 57 30.47 37.94 -35.56
CA SER D 57 30.11 37.37 -34.25
C SER D 57 30.47 38.29 -33.10
N ALA D 58 31.68 38.85 -33.15
CA ALA D 58 32.19 39.77 -32.13
C ALA D 58 31.39 41.07 -32.09
N ALA D 59 31.02 41.57 -33.27
CA ALA D 59 30.17 42.76 -33.35
C ALA D 59 28.80 42.47 -32.76
N ALA D 60 28.28 41.27 -33.03
CA ALA D 60 26.99 40.86 -32.48
C ALA D 60 27.01 40.87 -30.94
N VAL D 61 28.01 40.20 -30.37
CA VAL D 61 28.18 40.15 -28.92
C VAL D 61 28.25 41.57 -28.34
N ARG D 62 29.01 42.44 -29.01
CA ARG D 62 29.15 43.84 -28.61
C ARG D 62 27.80 44.58 -28.57
N ALA D 63 27.05 44.50 -29.67
CA ALA D 63 25.74 45.15 -29.76
C ALA D 63 24.75 44.65 -28.68
N PHE D 64 24.83 43.36 -28.37
CA PHE D 64 24.03 42.74 -27.33
C PHE D 64 24.42 43.27 -25.94
N LEU D 65 25.71 43.27 -25.64
CA LEU D 65 26.22 43.81 -24.37
C LEU D 65 25.95 45.29 -24.19
N GLU D 66 26.14 46.04 -25.28
CA GLU D 66 25.83 47.46 -25.31
C GLU D 66 24.38 47.79 -24.91
N ARG D 67 23.46 46.86 -25.04
CA ARG D 67 22.09 47.15 -24.60
C ARG D 67 21.85 46.71 -23.15
N GLY D 68 22.90 46.36 -22.42
CA GLY D 68 22.77 45.99 -21.01
C GLY D 68 22.52 44.52 -20.72
N HIS D 69 22.46 43.70 -21.75
CA HIS D 69 22.24 42.27 -21.57
C HIS D 69 23.57 41.57 -21.33
N THR D 70 23.50 40.36 -20.78
CA THR D 70 24.64 39.73 -20.15
C THR D 70 24.87 38.23 -20.51
N GLU D 71 23.85 37.56 -21.02
CA GLU D 71 23.85 36.12 -21.05
C GLU D 71 23.95 35.57 -22.50
N LEU D 72 24.83 34.60 -22.70
CA LEU D 72 25.10 34.00 -24.02
C LEU D 72 24.80 32.50 -24.01
N ASP D 73 24.11 32.03 -25.05
CA ASP D 73 23.76 30.63 -25.19
C ASP D 73 24.49 29.95 -26.35
N THR D 74 25.36 28.98 -26.04
CA THR D 74 26.04 28.21 -27.05
C THR D 74 25.85 26.73 -26.78
N ALA D 75 26.63 25.90 -27.45
CA ALA D 75 26.53 24.44 -27.31
C ALA D 75 27.73 23.75 -27.91
N PHE D 76 28.04 22.59 -27.37
CA PHE D 76 29.08 21.74 -27.92
C PHE D 76 28.92 21.54 -29.43
N MET D 77 27.68 21.37 -29.88
CA MET D 77 27.45 21.03 -31.29
C MET D 77 27.39 22.20 -32.28
N TYR D 78 27.30 23.44 -31.79
CA TYR D 78 27.09 24.58 -32.68
C TYR D 78 28.28 24.83 -33.59
N SER D 79 27.96 24.95 -34.89
CA SER D 79 28.93 25.00 -36.00
C SER D 79 30.17 24.15 -35.76
N ASP D 80 29.92 22.90 -35.37
CA ASP D 80 30.94 21.89 -35.15
C ASP D 80 32.00 22.31 -34.16
N GLY D 81 31.64 23.06 -33.13
CA GLY D 81 32.64 23.53 -32.15
C GLY D 81 33.15 24.94 -32.38
N GLN D 82 32.73 25.52 -33.50
CA GLN D 82 33.21 26.80 -33.97
C GLN D 82 32.57 27.96 -33.21
N SER D 83 31.30 27.82 -32.84
CA SER D 83 30.62 28.85 -32.04
C SER D 83 31.33 29.08 -30.69
N GLU D 84 31.58 28.00 -29.94
CA GLU D 84 32.31 28.08 -28.66
C GLU D 84 33.73 28.63 -28.82
N THR D 85 34.42 28.17 -29.87
CA THR D 85 35.78 28.58 -30.13
C THR D 85 35.85 30.09 -30.40
N ILE D 86 34.89 30.59 -31.19
CA ILE D 86 34.79 32.02 -31.48
C ILE D 86 34.52 32.83 -30.20
N LEU D 87 33.54 32.38 -29.42
CA LEU D 87 33.20 33.04 -28.16
C LEU D 87 34.37 33.06 -27.20
N GLY D 88 35.16 31.99 -27.19
CA GLY D 88 36.30 31.84 -26.27
C GLY D 88 37.49 32.70 -26.64
N GLY D 89 37.54 33.11 -27.91
CA GLY D 89 38.57 34.00 -28.39
C GLY D 89 38.26 35.49 -28.32
N LEU D 90 37.13 35.87 -27.72
CA LEU D 90 36.75 37.29 -27.64
C LEU D 90 37.40 38.04 -26.45
N GLY D 91 38.20 37.35 -25.64
CA GLY D 91 38.77 37.96 -24.46
C GLY D 91 37.77 38.52 -23.47
N LEU D 92 36.66 37.81 -23.28
CA LEU D 92 35.65 38.19 -22.29
C LEU D 92 35.96 37.72 -20.88
N GLY D 93 36.97 36.86 -20.72
CA GLY D 93 37.34 36.30 -19.41
C GLY D 93 36.26 35.43 -18.81
N LEU D 94 35.66 34.60 -19.65
CA LEU D 94 34.52 33.77 -19.28
C LEU D 94 34.90 32.85 -18.11
N GLY D 95 33.98 32.67 -17.18
CA GLY D 95 34.23 31.80 -16.01
C GLY D 95 34.99 32.47 -14.89
N GLY D 96 35.69 33.57 -15.21
CA GLY D 96 36.45 34.33 -14.22
C GLY D 96 35.58 35.03 -13.18
N GLY D 97 36.16 35.24 -12.02
CA GLY D 97 35.47 35.87 -10.90
C GLY D 97 35.23 37.37 -11.00
N ASP D 98 35.65 37.99 -12.10
CA ASP D 98 35.34 39.41 -12.34
C ASP D 98 34.57 39.59 -13.66
N CYS D 99 33.97 38.51 -14.15
CA CYS D 99 33.37 38.48 -15.47
C CYS D 99 31.87 38.82 -15.45
N ARG D 100 31.48 39.88 -16.17
CA ARG D 100 30.07 40.36 -16.18
C ARG D 100 29.19 39.53 -17.12
N VAL D 101 29.84 38.90 -18.09
CA VAL D 101 29.16 38.08 -19.08
C VAL D 101 28.95 36.67 -18.55
N LYS D 102 27.75 36.14 -18.79
CA LYS D 102 27.39 34.79 -18.42
C LYS D 102 27.35 33.88 -19.66
N ILE D 103 27.88 32.66 -19.50
CA ILE D 103 27.94 31.70 -20.60
C ILE D 103 27.19 30.42 -20.27
N ALA D 104 26.35 29.99 -21.21
CA ALA D 104 25.74 28.65 -21.16
C ALA D 104 26.25 27.77 -22.32
N THR D 105 26.46 26.50 -22.03
CA THR D 105 26.67 25.50 -23.07
C THR D 105 25.88 24.22 -22.76
N LYS D 106 25.97 23.25 -23.66
CA LYS D 106 25.09 22.06 -23.67
C LYS D 106 25.86 20.84 -24.16
N ALA D 107 25.64 19.70 -23.48
CA ALA D 107 26.09 18.39 -23.95
C ALA D 107 24.95 17.67 -24.62
N ASN D 108 25.23 16.95 -25.69
CA ASN D 108 24.17 16.23 -26.42
C ASN D 108 24.48 14.74 -26.63
N PRO D 109 23.44 13.93 -26.88
CA PRO D 109 23.61 12.51 -27.09
C PRO D 109 23.80 12.09 -28.55
N TRP D 110 23.92 13.05 -29.47
CA TRP D 110 23.85 12.73 -30.88
C TRP D 110 25.13 12.14 -31.45
N ASP D 111 25.00 11.59 -32.66
CA ASP D 111 26.12 11.01 -33.41
C ASP D 111 26.89 9.95 -32.60
N GLY D 112 26.16 9.16 -31.83
CA GLY D 112 26.76 8.09 -31.06
C GLY D 112 27.43 8.48 -29.74
N LYS D 113 27.63 9.79 -29.48
CA LYS D 113 28.05 10.24 -28.16
C LYS D 113 26.83 9.96 -27.33
N SER D 114 26.95 9.39 -26.16
CA SER D 114 25.72 9.25 -25.37
C SER D 114 25.59 10.45 -24.45
N LEU D 115 24.71 10.36 -23.45
CA LEU D 115 24.88 11.16 -22.22
C LEU D 115 25.33 10.26 -21.04
N LYS D 116 26.10 9.22 -21.36
CA LYS D 116 26.78 8.44 -20.33
C LYS D 116 27.84 9.36 -19.69
N PRO D 117 28.14 9.15 -18.39
CA PRO D 117 29.13 9.96 -17.67
C PRO D 117 30.37 10.38 -18.42
N ASP D 118 31.08 9.45 -19.05
CA ASP D 118 32.30 9.78 -19.80
C ASP D 118 32.03 10.81 -20.91
N SER D 119 30.91 10.68 -21.62
CA SER D 119 30.54 11.58 -22.70
C SER D 119 30.19 12.98 -22.16
N VAL D 120 29.45 13.04 -21.06
CA VAL D 120 29.07 14.33 -20.46
C VAL D 120 30.32 15.10 -20.02
N ARG D 121 31.22 14.40 -19.33
CA ARG D 121 32.49 14.98 -18.90
C ARG D 121 33.35 15.46 -20.06
N SER D 122 33.46 14.61 -21.07
CA SER D 122 34.27 14.88 -22.23
C SER D 122 33.76 16.09 -23.05
N GLN D 123 32.46 16.17 -23.24
CA GLN D 123 31.87 17.31 -23.93
C GLN D 123 32.06 18.61 -23.13
N LEU D 124 31.82 18.55 -21.82
CA LEU D 124 31.95 19.75 -20.99
C LEU D 124 33.40 20.25 -20.98
N GLU D 125 34.33 19.34 -20.77
CA GLU D 125 35.74 19.70 -20.76
C GLU D 125 36.21 20.27 -22.08
N THR D 126 35.74 19.72 -23.19
CA THR D 126 36.07 20.28 -24.49
C THR D 126 35.50 21.71 -24.64
N SER D 127 34.25 21.90 -24.22
CA SER D 127 33.61 23.18 -24.26
C SER D 127 34.41 24.19 -23.43
N LEU D 128 34.87 23.77 -22.26
CA LEU D 128 35.66 24.66 -21.40
C LEU D 128 36.96 25.08 -22.09
N LYS D 129 37.62 24.16 -22.77
CA LYS D 129 38.84 24.51 -23.52
C LYS D 129 38.53 25.50 -24.66
N ARG D 130 37.44 25.25 -25.39
CA ARG D 130 37.12 26.13 -26.53
C ARG D 130 36.73 27.50 -26.06
N LEU D 131 35.93 27.57 -24.99
CA LEU D 131 35.54 28.84 -24.38
C LEU D 131 36.68 29.51 -23.60
N GLN D 132 37.79 28.81 -23.42
CA GLN D 132 38.94 29.31 -22.65
C GLN D 132 38.50 29.78 -21.26
N CYS D 133 37.80 28.91 -20.54
CA CYS D 133 37.27 29.27 -19.25
C CYS D 133 37.21 28.08 -18.30
N PRO D 134 37.35 28.33 -16.99
CA PRO D 134 37.41 27.29 -15.96
C PRO D 134 36.04 26.68 -15.60
N GLN D 135 34.98 27.46 -15.75
CA GLN D 135 33.64 26.96 -15.50
C GLN D 135 32.61 27.78 -16.27
N VAL D 136 31.51 27.12 -16.62
CA VAL D 136 30.43 27.81 -17.28
C VAL D 136 29.37 28.15 -16.26
N ASP D 137 28.59 29.18 -16.54
CA ASP D 137 27.56 29.62 -15.60
C ASP D 137 26.32 28.72 -15.68
N LEU D 138 26.10 28.08 -16.82
CA LEU D 138 24.95 27.21 -17.00
C LEU D 138 25.34 26.08 -17.95
N PHE D 139 25.03 24.85 -17.54
CA PHE D 139 25.33 23.65 -18.32
C PHE D 139 24.06 22.83 -18.57
N TYR D 140 23.73 22.65 -19.85
CA TYR D 140 22.51 21.96 -20.24
C TYR D 140 22.74 20.54 -20.71
N LEU D 141 21.78 19.68 -20.38
CA LEU D 141 21.52 18.46 -21.14
C LEU D 141 20.65 18.90 -22.31
N HIS D 142 21.23 18.82 -23.51
CA HIS D 142 20.74 19.47 -24.74
C HIS D 142 19.44 18.83 -25.26
N ALA D 143 19.39 17.51 -25.14
CA ALA D 143 18.19 16.69 -25.43
C ALA D 143 18.30 15.35 -24.67
N PRO D 144 17.17 14.67 -24.44
CA PRO D 144 17.21 13.38 -23.79
C PRO D 144 18.02 12.30 -24.49
N ASP D 145 18.69 11.50 -23.67
CA ASP D 145 19.31 10.28 -24.14
C ASP D 145 18.46 9.09 -23.67
N HIS D 146 17.58 8.63 -24.54
CA HIS D 146 16.66 7.55 -24.20
C HIS D 146 17.34 6.19 -24.07
N GLY D 147 18.59 6.07 -24.51
CA GLY D 147 19.34 4.85 -24.32
C GLY D 147 20.10 4.73 -23.00
N THR D 148 20.13 5.78 -22.19
CA THR D 148 20.95 5.85 -20.98
C THR D 148 20.07 6.21 -19.80
N PRO D 149 20.08 5.41 -18.72
CA PRO D 149 19.25 5.79 -17.55
C PRO D 149 19.62 7.16 -17.03
N VAL D 150 18.61 7.99 -16.81
CA VAL D 150 18.80 9.41 -16.51
C VAL D 150 19.58 9.63 -15.20
N GLU D 151 19.44 8.71 -14.25
CA GLU D 151 20.17 8.78 -12.99
C GLU D 151 21.70 8.67 -13.17
N GLU D 152 22.17 7.92 -14.16
CA GLU D 152 23.60 7.93 -14.53
C GLU D 152 24.03 9.30 -14.99
N THR D 153 23.33 9.86 -15.98
CA THR D 153 23.67 11.18 -16.48
C THR D 153 23.70 12.23 -15.34
N LEU D 154 22.70 12.21 -14.46
CA LEU D 154 22.62 13.19 -13.37
C LEU D 154 23.72 13.02 -12.31
N HIS D 155 24.12 11.78 -12.03
CA HIS D 155 25.23 11.58 -11.09
C HIS D 155 26.52 12.16 -11.70
N ALA D 156 26.70 12.04 -13.01
CA ALA D 156 27.83 12.69 -13.70
C ALA D 156 27.77 14.21 -13.52
N CYS D 157 26.59 14.80 -13.71
CA CYS D 157 26.42 16.26 -13.54
C CYS D 157 26.67 16.71 -12.11
N GLN D 158 26.21 15.93 -11.15
CA GLN D 158 26.50 16.20 -9.75
C GLN D 158 28.02 16.25 -9.50
N ARG D 159 28.73 15.23 -9.96
CA ARG D 159 30.19 15.20 -9.77
C ARG D 159 30.84 16.42 -10.44
N LEU D 160 30.48 16.70 -11.69
CA LEU D 160 31.07 17.82 -12.43
C LEU D 160 30.80 19.16 -11.76
N HIS D 161 29.62 19.29 -11.14
CA HIS D 161 29.29 20.46 -10.33
C HIS D 161 30.12 20.54 -9.04
N GLN D 162 30.32 19.41 -8.35
CA GLN D 162 31.20 19.35 -7.16
C GLN D 162 32.61 19.83 -7.52
N GLU D 163 33.05 19.50 -8.73
CA GLU D 163 34.38 19.85 -9.20
C GLU D 163 34.52 21.32 -9.61
N GLY D 164 33.39 22.01 -9.69
CA GLY D 164 33.36 23.41 -10.10
C GLY D 164 33.42 23.66 -11.61
N LYS D 165 33.00 22.70 -12.43
CA LYS D 165 33.05 22.88 -13.88
C LYS D 165 31.85 23.70 -14.40
N PHE D 166 30.78 23.77 -13.61
CA PHE D 166 29.63 24.58 -13.96
C PHE D 166 28.86 24.99 -12.68
N VAL D 167 28.14 26.11 -12.78
CA VAL D 167 27.40 26.68 -11.65
C VAL D 167 25.96 26.13 -11.59
N GLU D 168 25.18 26.37 -12.64
CA GLU D 168 23.80 25.84 -12.70
C GLU D 168 23.63 24.77 -13.76
N LEU D 169 22.68 23.89 -13.50
CA LEU D 169 22.29 22.83 -14.40
C LEU D 169 20.96 23.20 -15.09
N GLY D 170 20.93 22.93 -16.40
CA GLY D 170 19.71 23.13 -17.21
C GLY D 170 19.29 21.87 -17.96
N LEU D 171 18.02 21.86 -18.38
CA LEU D 171 17.46 20.85 -19.28
C LEU D 171 16.92 21.53 -20.52
N SER D 172 17.01 20.81 -21.63
CA SER D 172 16.37 21.24 -22.87
C SER D 172 15.73 20.01 -23.57
N ASN D 173 14.50 20.22 -24.07
CA ASN D 173 13.83 19.25 -24.90
C ASN D 173 13.41 17.95 -24.20
N TYR D 174 13.32 17.99 -22.87
CA TYR D 174 12.76 16.93 -22.06
C TYR D 174 11.29 17.20 -21.84
N ALA D 175 10.47 16.15 -21.85
CA ALA D 175 9.05 16.29 -21.58
C ALA D 175 8.84 16.74 -20.13
N SER D 176 7.72 17.38 -19.82
CA SER D 176 7.44 17.80 -18.44
C SER D 176 7.61 16.63 -17.43
N TRP D 177 7.19 15.43 -17.83
CA TRP D 177 7.20 14.31 -16.91
C TRP D 177 8.61 13.79 -16.68
N GLU D 178 9.48 14.00 -17.67
CA GLU D 178 10.89 13.70 -17.54
C GLU D 178 11.58 14.67 -16.60
N VAL D 179 11.22 15.95 -16.73
CA VAL D 179 11.74 16.97 -15.84
C VAL D 179 11.38 16.67 -14.37
N ALA D 180 10.11 16.30 -14.14
CA ALA D 180 9.62 15.96 -12.82
C ALA D 180 10.33 14.75 -12.24
N GLU D 181 10.55 13.69 -13.04
CA GLU D 181 11.33 12.50 -12.64
C GLU D 181 12.74 12.91 -12.21
N ILE D 182 13.40 13.69 -13.06
CA ILE D 182 14.76 14.23 -12.80
C ILE D 182 14.85 15.02 -11.49
N CYS D 183 13.91 15.93 -11.29
CA CYS D 183 13.93 16.79 -10.10
C CYS D 183 13.73 15.98 -8.84
N THR D 184 12.81 15.03 -8.91
CA THR D 184 12.52 14.15 -7.81
C THR D 184 13.73 13.24 -7.50
N LEU D 185 14.42 12.72 -8.51
CA LEU D 185 15.65 11.95 -8.28
C LEU D 185 16.74 12.76 -7.59
N CYS D 186 16.96 13.98 -8.03
CA CYS D 186 18.00 14.83 -7.46
C CYS D 186 17.73 15.18 -6.01
N LYS D 187 16.46 15.49 -5.71
CA LYS D 187 16.08 15.80 -4.32
C LYS D 187 16.37 14.60 -3.42
N SER D 188 15.96 13.41 -3.85
CA SER D 188 16.09 12.22 -3.05
C SER D 188 17.56 11.79 -2.87
N ASN D 189 18.38 12.03 -3.90
CA ASN D 189 19.80 11.70 -3.84
C ASN D 189 20.66 12.81 -3.28
N GLY D 190 20.06 13.96 -2.98
CA GLY D 190 20.80 15.12 -2.51
C GLY D 190 21.64 15.82 -3.55
N TRP D 191 21.30 15.67 -4.83
CA TRP D 191 22.08 16.28 -5.93
C TRP D 191 21.57 17.65 -6.36
N ILE D 192 22.40 18.37 -7.10
CA ILE D 192 21.98 19.62 -7.73
C ILE D 192 20.75 19.43 -8.63
N LEU D 193 19.74 20.25 -8.40
CA LEU D 193 18.58 20.25 -9.26
C LEU D 193 18.81 21.15 -10.44
N PRO D 194 18.13 20.86 -11.56
CA PRO D 194 18.15 21.81 -12.66
C PRO D 194 17.33 23.05 -12.28
N THR D 195 17.79 24.21 -12.74
CA THR D 195 17.17 25.47 -12.39
C THR D 195 16.72 26.26 -13.62
N VAL D 196 17.01 25.74 -14.82
CA VAL D 196 16.67 26.41 -16.08
C VAL D 196 16.20 25.36 -17.06
N TYR D 197 15.13 25.69 -17.75
CA TYR D 197 14.65 24.89 -18.88
C TYR D 197 14.67 25.75 -20.12
N GLN D 198 15.33 25.25 -21.16
CA GLN D 198 15.37 25.94 -22.45
C GLN D 198 14.48 25.18 -23.43
N GLY D 199 13.42 25.83 -23.86
CA GLY D 199 12.42 25.17 -24.68
C GLY D 199 11.90 26.00 -25.85
N MET D 200 11.23 25.30 -26.78
CA MET D 200 10.65 25.91 -27.97
C MET D 200 9.39 26.66 -27.60
N TYR D 201 9.34 27.96 -27.92
CA TYR D 201 8.19 28.79 -27.57
C TYR D 201 8.16 30.03 -28.43
N ASN D 202 7.00 30.30 -29.03
CA ASN D 202 6.76 31.50 -29.79
C ASN D 202 5.23 31.71 -29.89
N ALA D 203 4.83 32.83 -30.51
CA ALA D 203 3.41 33.23 -30.55
C ALA D 203 2.46 32.18 -31.17
N THR D 204 3.02 31.31 -32.03
CA THR D 204 2.25 30.28 -32.71
C THR D 204 2.68 28.85 -32.34
N THR D 205 3.48 28.73 -31.28
CA THR D 205 4.01 27.44 -30.85
C THR D 205 3.97 27.42 -29.33
N ARG D 206 2.86 26.97 -28.74
CA ARG D 206 2.59 27.16 -27.30
C ARG D 206 2.30 25.87 -26.54
N GLN D 207 2.72 24.74 -27.10
CA GLN D 207 2.50 23.44 -26.45
C GLN D 207 3.09 23.39 -25.03
N VAL D 208 4.21 24.08 -24.81
CA VAL D 208 4.85 24.14 -23.46
C VAL D 208 3.94 24.70 -22.35
N GLU D 209 2.94 25.50 -22.70
CA GLU D 209 2.09 26.15 -21.72
C GLU D 209 1.18 25.22 -20.91
N THR D 210 0.81 24.10 -21.50
CA THR D 210 -0.18 23.22 -20.89
C THR D 210 0.32 22.42 -19.67
N GLU D 211 1.46 21.76 -19.82
CA GLU D 211 2.02 20.92 -18.74
C GLU D 211 3.42 21.31 -18.32
N LEU D 212 4.22 21.80 -19.26
CA LEU D 212 5.60 22.10 -18.93
C LEU D 212 5.69 23.30 -17.97
N PHE D 213 5.03 24.39 -18.29
CA PHE D 213 5.14 25.57 -17.45
C PHE D 213 4.66 25.33 -16.02
N PRO D 214 3.49 24.67 -15.86
CA PRO D 214 3.12 24.31 -14.46
C PRO D 214 4.17 23.44 -13.72
N CYS D 215 4.75 22.49 -14.42
CA CYS D 215 5.83 21.67 -13.85
C CYS D 215 7.05 22.48 -13.41
N LEU D 216 7.50 23.37 -14.28
CA LEU D 216 8.65 24.23 -13.97
C LEU D 216 8.42 25.13 -12.75
N ARG D 217 7.20 25.64 -12.65
CA ARG D 217 6.83 26.54 -11.54
C ARG D 217 6.87 25.81 -10.21
N HIS D 218 6.44 24.55 -10.25
CA HIS D 218 6.46 23.69 -9.10
C HIS D 218 7.88 23.31 -8.63
N PHE D 219 8.77 23.06 -9.56
CA PHE D 219 10.10 22.59 -9.20
C PHE D 219 11.10 23.72 -9.23
N GLY D 220 10.65 24.93 -9.56
CA GLY D 220 11.51 26.12 -9.49
C GLY D 220 12.50 26.30 -10.62
N LEU D 221 12.10 25.98 -11.84
CA LEU D 221 12.94 26.24 -13.00
C LEU D 221 12.45 27.48 -13.74
N ARG D 222 13.36 28.37 -14.12
CA ARG D 222 13.02 29.43 -15.04
C ARG D 222 13.13 28.90 -16.45
N PHE D 223 12.43 29.57 -17.38
CA PHE D 223 12.28 29.14 -18.76
C PHE D 223 12.93 30.15 -19.72
N TYR D 224 13.81 29.64 -20.59
CA TYR D 224 14.39 30.36 -21.68
C TYR D 224 13.81 29.87 -23.02
N ALA D 225 13.20 30.76 -23.79
CA ALA D 225 12.56 30.41 -25.05
C ALA D 225 13.53 30.44 -26.20
N TYR D 226 13.60 29.33 -26.95
CA TYR D 226 14.24 29.28 -28.27
C TYR D 226 13.20 29.20 -29.40
N ASN D 227 13.66 29.36 -30.65
CA ASN D 227 12.80 29.59 -31.84
C ASN D 227 11.73 30.69 -31.61
N PRO D 228 12.11 31.86 -31.05
CA PRO D 228 11.08 32.89 -30.79
C PRO D 228 10.42 33.50 -32.03
N LEU D 229 11.08 33.38 -33.18
CA LEU D 229 10.48 33.78 -34.46
C LEU D 229 10.18 32.59 -35.33
N ALA D 230 10.05 31.41 -34.70
CA ALA D 230 9.83 30.16 -35.42
C ALA D 230 10.85 29.97 -36.54
N GLY D 231 12.14 30.11 -36.18
CA GLY D 231 13.26 29.98 -37.12
C GLY D 231 13.31 31.06 -38.21
N GLY D 232 12.48 32.10 -38.08
CA GLY D 232 12.38 33.15 -39.08
C GLY D 232 11.04 33.21 -39.79
N LEU D 233 10.17 32.23 -39.57
CA LEU D 233 8.87 32.23 -40.25
C LEU D 233 8.07 33.45 -39.81
N LEU D 234 8.13 33.78 -38.53
CA LEU D 234 7.36 34.87 -37.96
C LEU D 234 7.92 36.27 -38.31
N THR D 235 8.83 36.34 -39.28
CA THR D 235 9.25 37.63 -39.87
C THR D 235 8.34 38.01 -41.03
N GLY D 236 7.58 37.03 -41.50
CA GLY D 236 6.71 37.20 -42.65
C GLY D 236 7.45 37.34 -43.96
N LYS D 237 8.73 36.96 -43.99
CA LYS D 237 9.51 37.08 -45.21
C LYS D 237 9.27 35.94 -46.23
N TYR D 238 8.55 34.90 -45.85
CA TYR D 238 8.29 33.78 -46.74
C TYR D 238 6.83 33.72 -47.20
N LYS D 239 6.61 32.98 -48.30
CA LYS D 239 5.31 32.49 -48.73
C LYS D 239 5.39 30.97 -48.71
N TYR D 240 4.26 30.32 -48.42
CA TYR D 240 4.21 28.87 -48.43
C TYR D 240 4.78 28.23 -49.70
N GLU D 241 4.43 28.79 -50.86
CA GLU D 241 4.84 28.26 -52.17
C GLU D 241 6.35 28.40 -52.48
N ASP D 242 7.11 29.10 -51.62
CA ASP D 242 8.56 29.21 -51.75
C ASP D 242 9.26 27.86 -51.66
N LYS D 243 8.61 26.85 -51.08
CA LYS D 243 9.17 25.51 -50.97
C LYS D 243 9.28 24.79 -52.31
N ASP D 244 8.44 25.17 -53.27
CA ASP D 244 8.44 24.53 -54.59
C ASP D 244 9.49 25.13 -55.50
N GLY D 245 9.33 26.42 -55.81
CA GLY D 245 10.20 27.12 -56.74
C GLY D 245 11.43 27.77 -56.11
N LYS D 246 11.23 28.88 -55.39
CA LYS D 246 12.35 29.73 -54.95
C LYS D 246 13.32 29.05 -53.97
N GLN D 247 12.78 28.40 -52.93
CA GLN D 247 13.62 27.74 -51.92
C GLN D 247 14.81 28.61 -51.45
N PRO D 248 14.51 29.79 -50.88
CA PRO D 248 15.55 30.72 -50.44
C PRO D 248 16.47 30.15 -49.36
N VAL D 249 17.77 30.18 -49.66
CA VAL D 249 18.82 29.70 -48.76
C VAL D 249 18.73 30.39 -47.39
N GLY D 250 18.72 29.58 -46.35
CA GLY D 250 18.49 30.07 -44.99
C GLY D 250 18.09 28.94 -44.08
N ARG D 251 17.41 29.29 -42.99
CA ARG D 251 17.04 28.30 -42.00
C ARG D 251 16.25 27.12 -42.60
N PHE D 252 15.44 27.41 -43.63
CA PHE D 252 14.49 26.43 -44.17
C PHE D 252 14.91 25.77 -45.48
N PHE D 253 15.99 26.21 -46.08
CA PHE D 253 16.46 25.63 -47.37
C PHE D 253 17.99 25.65 -47.47
N GLY D 254 18.54 24.56 -47.98
CA GLY D 254 19.93 24.54 -48.42
C GLY D 254 20.91 24.11 -47.38
N ASN D 255 20.44 23.51 -46.29
CA ASN D 255 21.34 23.01 -45.27
C ASN D 255 20.83 21.73 -44.60
N SER D 256 21.67 21.16 -43.75
CA SER D 256 21.44 19.84 -43.18
C SER D 256 20.24 19.79 -42.23
N TRP D 257 19.86 20.93 -41.66
CA TRP D 257 18.72 21.01 -40.73
C TRP D 257 17.45 21.63 -41.32
N ALA D 258 17.53 22.04 -42.59
CA ALA D 258 16.43 22.71 -43.27
C ALA D 258 15.15 21.87 -43.26
N GLU D 259 15.28 20.59 -43.57
CA GLU D 259 14.13 19.68 -43.59
C GLU D 259 13.50 19.53 -42.19
N THR D 260 14.34 19.46 -41.15
CA THR D 260 13.84 19.46 -39.78
C THR D 260 12.99 20.70 -39.50
N TYR D 261 13.48 21.85 -39.96
CA TYR D 261 12.80 23.13 -39.72
C TYR D 261 11.52 23.25 -40.53
N ARG D 262 11.54 22.72 -41.74
CA ARG D 262 10.32 22.67 -42.56
C ARG D 262 9.26 21.82 -41.88
N ASN D 263 9.65 20.64 -41.42
CA ASN D 263 8.73 19.76 -40.70
C ASN D 263 8.23 20.37 -39.41
N ARG D 264 9.04 21.21 -38.80
CA ARG D 264 8.66 21.88 -37.55
C ARG D 264 7.63 23.01 -37.74
N PHE D 265 7.87 23.87 -38.74
CA PHE D 265 7.12 25.13 -38.88
C PHE D 265 6.49 25.39 -40.26
N TRP D 266 7.02 24.80 -41.33
CA TRP D 266 6.60 25.19 -42.69
C TRP D 266 5.29 24.48 -43.11
N LYS D 267 4.18 24.99 -42.61
CA LYS D 267 2.86 24.37 -42.79
C LYS D 267 1.91 25.46 -43.28
N GLU D 268 1.01 25.11 -44.20
CA GLU D 268 0.11 26.14 -44.79
C GLU D 268 -0.71 26.88 -43.74
N HIS D 269 -1.17 26.18 -42.72
CA HIS D 269 -1.98 26.82 -41.67
C HIS D 269 -1.19 27.82 -40.88
N HIS D 270 0.12 27.61 -40.80
CA HIS D 270 1.02 28.57 -40.15
C HIS D 270 1.12 29.84 -41.01
N PHE D 271 1.15 29.69 -42.33
CA PHE D 271 1.18 30.87 -43.19
C PHE D 271 -0.17 31.62 -43.18
N GLU D 272 -1.28 30.89 -43.09
CA GLU D 272 -2.57 31.52 -42.87
C GLU D 272 -2.56 32.33 -41.56
N ALA D 273 -1.95 31.75 -40.53
CA ALA D 273 -1.87 32.37 -39.21
C ALA D 273 -1.13 33.68 -39.25
N ILE D 274 0.03 33.67 -39.90
CA ILE D 274 0.84 34.87 -40.05
C ILE D 274 0.07 35.96 -40.82
N ALA D 275 -0.63 35.58 -41.90
CA ALA D 275 -1.45 36.54 -42.67
C ALA D 275 -2.55 37.19 -41.84
N LEU D 276 -3.13 36.41 -40.93
CA LEU D 276 -4.16 36.91 -40.01
C LEU D 276 -3.57 37.97 -39.08
N VAL D 277 -2.35 37.72 -38.59
CA VAL D 277 -1.68 38.70 -37.73
C VAL D 277 -1.30 39.96 -38.52
N GLU D 278 -0.74 39.79 -39.71
CA GLU D 278 -0.44 40.96 -40.54
C GLU D 278 -1.68 41.81 -40.80
N LYS D 279 -2.82 41.18 -41.07
CA LYS D 279 -4.06 41.96 -41.33
C LYS D 279 -4.51 42.72 -40.06
N ALA D 280 -4.30 42.13 -38.89
CA ALA D 280 -4.62 42.78 -37.62
C ALA D 280 -3.68 43.94 -37.27
N LEU D 281 -2.41 43.80 -37.63
CA LEU D 281 -1.47 44.90 -37.46
C LEU D 281 -1.88 46.10 -38.31
N GLN D 282 -2.22 45.84 -39.58
CA GLN D 282 -2.70 46.88 -40.49
C GLN D 282 -3.99 47.52 -39.95
N ALA D 283 -4.95 46.70 -39.53
CA ALA D 283 -6.21 47.23 -38.98
C ALA D 283 -6.01 48.03 -37.70
N ALA D 284 -5.21 47.50 -36.76
CA ALA D 284 -5.02 48.15 -35.44
C ALA D 284 -4.20 49.42 -35.49
N TYR D 285 -3.19 49.46 -36.35
CA TYR D 285 -2.22 50.58 -36.37
C TYR D 285 -2.24 51.39 -37.67
N GLY D 286 -2.82 50.87 -38.74
CA GLY D 286 -2.80 51.53 -40.04
C GLY D 286 -1.37 51.79 -40.47
N ALA D 287 -1.12 53.01 -40.96
CA ALA D 287 0.19 53.42 -41.47
C ALA D 287 1.32 53.24 -40.44
N SER D 288 0.98 53.31 -39.16
CA SER D 288 1.95 53.21 -38.06
C SER D 288 2.24 51.75 -37.61
N ALA D 289 1.79 50.77 -38.40
CA ALA D 289 1.97 49.36 -38.01
C ALA D 289 3.42 48.94 -37.88
N PRO D 290 3.74 48.20 -36.81
CA PRO D 290 5.07 47.61 -36.75
C PRO D 290 5.19 46.41 -37.68
N SER D 291 6.43 45.97 -37.90
CA SER D 291 6.68 44.75 -38.65
C SER D 291 6.17 43.57 -37.86
N VAL D 292 5.85 42.49 -38.57
CA VAL D 292 5.40 41.25 -37.92
C VAL D 292 6.52 40.63 -37.05
N THR D 293 7.78 40.75 -37.49
CA THR D 293 8.92 40.42 -36.63
C THR D 293 8.82 41.14 -35.28
N SER D 294 8.68 42.47 -35.32
CA SER D 294 8.61 43.29 -34.10
C SER D 294 7.44 42.83 -33.20
N ALA D 295 6.28 42.65 -33.83
CA ALA D 295 5.10 42.17 -33.15
C ALA D 295 5.34 40.81 -32.49
N ALA D 296 5.94 39.86 -33.23
CA ALA D 296 6.16 38.50 -32.70
C ALA D 296 7.05 38.48 -31.46
N LEU D 297 8.06 39.34 -31.48
CA LEU D 297 8.96 39.48 -30.34
C LEU D 297 8.31 40.18 -29.16
N ARG D 298 7.52 41.22 -29.43
CA ARG D 298 6.81 41.93 -28.37
C ARG D 298 5.78 41.03 -27.67
N TRP D 299 5.14 40.14 -28.44
CA TRP D 299 4.29 39.12 -27.86
C TRP D 299 5.05 38.30 -26.78
N MET D 300 6.25 37.84 -27.11
CA MET D 300 7.09 37.10 -26.16
C MET D 300 7.38 37.88 -24.90
N TYR D 301 7.80 39.12 -25.03
CA TYR D 301 8.21 39.92 -23.88
C TYR D 301 7.06 40.47 -23.07
N HIS D 302 5.89 40.63 -23.69
CA HIS D 302 4.77 41.35 -23.06
C HIS D 302 3.48 40.57 -22.89
N HIS D 303 3.29 39.49 -23.66
CA HIS D 303 1.99 38.80 -23.73
C HIS D 303 2.05 37.28 -23.62
N SER D 304 3.22 36.73 -23.38
CA SER D 304 3.37 35.29 -23.27
C SER D 304 3.31 34.90 -21.79
N GLN D 305 3.55 33.62 -21.50
CA GLN D 305 3.62 33.14 -20.12
C GLN D 305 4.95 33.47 -19.46
N LEU D 306 5.91 33.95 -20.25
CA LEU D 306 7.21 34.33 -19.72
C LEU D 306 7.04 35.46 -18.72
N GLN D 307 7.65 35.29 -17.55
CA GLN D 307 7.58 36.27 -16.46
C GLN D 307 8.98 36.66 -15.99
N GLY D 308 9.27 37.95 -16.01
CA GLY D 308 10.54 38.47 -15.48
C GLY D 308 10.70 38.18 -13.99
N ALA D 309 9.57 38.17 -13.27
CA ALA D 309 9.52 37.79 -11.87
C ALA D 309 10.05 36.38 -11.59
N HIS D 310 9.97 35.47 -12.57
CA HIS D 310 10.58 34.13 -12.45
C HIS D 310 11.94 34.04 -13.13
N GLY D 311 12.48 35.15 -13.64
CA GLY D 311 13.76 35.11 -14.34
C GLY D 311 13.72 34.52 -15.74
N ASP D 312 12.53 34.41 -16.32
CA ASP D 312 12.35 33.88 -17.68
C ASP D 312 13.03 34.76 -18.72
N ALA D 313 13.42 34.16 -19.84
CA ALA D 313 14.13 34.89 -20.90
C ALA D 313 13.74 34.45 -22.28
N VAL D 314 13.98 35.33 -23.25
CA VAL D 314 13.93 34.98 -24.67
C VAL D 314 15.37 34.83 -25.20
N ILE D 315 15.64 33.74 -25.92
CA ILE D 315 16.91 33.60 -26.59
C ILE D 315 16.75 34.10 -28.03
N LEU D 316 17.34 35.26 -28.28
CA LEU D 316 17.27 35.89 -29.60
C LEU D 316 18.13 35.13 -30.61
N GLY D 317 17.59 35.01 -31.82
CA GLY D 317 18.31 34.43 -32.94
C GLY D 317 18.62 35.47 -34.01
N MET D 318 19.66 35.20 -34.78
CA MET D 318 20.07 36.04 -35.90
C MET D 318 21.06 35.26 -36.73
N SER D 319 21.11 35.57 -38.03
CA SER D 319 22.15 35.06 -38.89
C SER D 319 22.99 36.24 -39.46
N SER D 320 22.65 37.46 -39.03
CA SER D 320 23.45 38.64 -39.31
C SER D 320 23.29 39.70 -38.22
N LEU D 321 24.19 40.67 -38.22
CA LEU D 321 24.18 41.79 -37.28
C LEU D 321 22.96 42.70 -37.44
N GLU D 322 22.53 42.91 -38.68
CA GLU D 322 21.39 43.76 -38.99
C GLU D 322 20.11 43.13 -38.43
N GLN D 323 20.00 41.81 -38.58
CA GLN D 323 18.90 41.06 -37.97
C GLN D 323 18.89 41.23 -36.44
N LEU D 324 20.07 41.07 -35.81
CA LEU D 324 20.15 41.22 -34.36
C LEU D 324 19.75 42.62 -33.90
N GLU D 325 20.22 43.63 -34.61
CA GLU D 325 19.97 45.01 -34.20
C GLU D 325 18.49 45.34 -34.34
N GLN D 326 17.87 44.85 -35.41
CA GLN D 326 16.42 44.96 -35.57
C GLN D 326 15.65 44.25 -34.42
N ASN D 327 16.10 43.03 -34.07
CA ASN D 327 15.46 42.27 -33.00
C ASN D 327 15.65 42.91 -31.63
N LEU D 328 16.86 43.44 -31.36
CA LEU D 328 17.13 44.18 -30.12
C LEU D 328 16.24 45.40 -29.96
N ALA D 329 16.00 46.12 -31.05
CA ALA D 329 15.09 47.27 -31.03
C ALA D 329 13.67 46.87 -30.62
N ALA D 330 13.19 45.74 -31.15
CA ALA D 330 11.85 45.22 -30.85
C ALA D 330 11.71 44.82 -29.41
N THR D 331 12.79 44.33 -28.80
CA THR D 331 12.76 43.95 -27.39
C THR D 331 12.51 45.17 -26.49
N GLU D 332 12.88 46.35 -26.95
CA GLU D 332 12.67 47.59 -26.20
C GLU D 332 11.33 48.25 -26.51
N GLU D 333 10.58 47.71 -27.47
CA GLU D 333 9.27 48.26 -27.79
C GLU D 333 8.24 47.77 -26.77
N GLY D 334 7.10 48.44 -26.70
CA GLY D 334 6.13 48.19 -25.62
C GLY D 334 5.10 47.14 -26.01
N PRO D 335 4.03 47.00 -25.20
CA PRO D 335 2.99 46.04 -25.52
C PRO D 335 2.21 46.37 -26.80
N LEU D 336 1.47 45.38 -27.29
CA LEU D 336 0.67 45.49 -28.49
C LEU D 336 -0.78 45.81 -28.13
N GLU D 337 -1.48 46.40 -29.09
CA GLU D 337 -2.90 46.62 -28.97
C GLU D 337 -3.60 45.28 -28.73
N PRO D 338 -4.61 45.25 -27.83
CA PRO D 338 -5.40 44.04 -27.50
C PRO D 338 -5.83 43.21 -28.69
N ALA D 339 -6.28 43.87 -29.75
CA ALA D 339 -6.77 43.20 -30.95
C ALA D 339 -5.70 42.41 -31.67
N VAL D 340 -4.45 42.88 -31.58
CA VAL D 340 -3.31 42.16 -32.16
C VAL D 340 -2.98 40.95 -31.28
N VAL D 341 -3.07 41.13 -29.97
CA VAL D 341 -2.87 40.02 -29.02
C VAL D 341 -3.92 38.92 -29.28
N ASP D 342 -5.17 39.32 -29.48
CA ASP D 342 -6.24 38.38 -29.87
C ASP D 342 -6.00 37.73 -31.24
N ALA D 343 -5.47 38.49 -32.18
CA ALA D 343 -5.11 37.91 -33.48
C ALA D 343 -4.08 36.80 -33.33
N PHE D 344 -3.11 37.02 -32.44
CA PHE D 344 -2.05 36.03 -32.20
C PHE D 344 -2.62 34.76 -31.61
N ASN D 345 -3.65 34.95 -30.78
CA ASN D 345 -4.33 33.81 -30.17
C ASN D 345 -5.12 33.02 -31.19
N GLN D 346 -5.82 33.72 -32.06
CA GLN D 346 -6.51 33.09 -33.17
C GLN D 346 -5.55 32.35 -34.07
N ALA D 347 -4.40 32.98 -34.31
CA ALA D 347 -3.34 32.39 -35.12
C ALA D 347 -2.83 31.08 -34.54
N TRP D 348 -2.56 31.08 -33.24
CA TRP D 348 -2.19 29.89 -32.50
C TRP D 348 -3.23 28.76 -32.60
N HIS D 349 -4.51 29.11 -32.43
CA HIS D 349 -5.59 28.16 -32.57
C HIS D 349 -5.63 27.51 -33.94
N LEU D 350 -5.27 28.27 -34.97
CA LEU D 350 -5.23 27.74 -36.33
C LEU D 350 -4.18 26.61 -36.48
N VAL D 351 -3.08 26.70 -35.73
CA VAL D 351 -1.97 25.74 -35.87
C VAL D 351 -1.81 24.80 -34.69
N ALA D 352 -2.58 24.98 -33.63
CA ALA D 352 -2.44 24.15 -32.43
C ALA D 352 -2.53 22.63 -32.71
N HIS D 353 -3.43 22.23 -33.61
CA HIS D 353 -3.60 20.81 -33.97
C HIS D 353 -2.32 20.18 -34.58
N GLU D 354 -1.39 21.00 -35.05
CA GLU D 354 -0.18 20.50 -35.71
C GLU D 354 1.08 21.07 -35.09
N CYS D 355 0.98 21.52 -33.85
CA CYS D 355 2.10 22.10 -33.15
C CYS D 355 3.19 21.03 -33.00
N PRO D 356 4.45 21.39 -33.28
CA PRO D 356 5.54 20.43 -33.08
C PRO D 356 5.79 20.21 -31.58
N ASN D 357 6.22 19.02 -31.23
CA ASN D 357 6.55 18.66 -29.86
C ASN D 357 7.71 19.43 -29.33
N TYR D 358 7.58 19.93 -28.10
CA TYR D 358 8.68 20.66 -27.45
C TYR D 358 9.74 19.70 -26.93
N PHE D 359 9.40 18.41 -26.90
CA PHE D 359 10.26 17.37 -26.34
C PHE D 359 10.69 16.39 -27.43
N ARG D 360 11.80 15.73 -27.16
CA ARG D 360 12.48 14.87 -28.13
C ARG D 360 12.93 13.57 -27.46
#